data_8D87
#
_entry.id   8D87
#
_cell.length_a   1.00
_cell.length_b   1.00
_cell.length_c   1.00
_cell.angle_alpha   90.00
_cell.angle_beta   90.00
_cell.angle_gamma   90.00
#
_symmetry.space_group_name_H-M   'P 1'
#
loop_
_entity.id
_entity.type
_entity.pdbx_description
1 polymer 'Spike glycoprotein E1'
2 branched 2-acetamido-2-deoxy-beta-D-glucopyranose-(1-2)-beta-D-mannopyranose-(1-3)-beta-D-mannopyranose-(1-4)-2-acetamido-2-deoxy-beta-D-glucopyranose-(1-4)-[beta-L-fucopyranose-(1-6)]2-acetamido-2-deoxy-beta-D-glucopyranose
3 branched 2-acetamido-2-deoxy-beta-D-glucopyranose-(1-2)-alpha-D-mannopyranose-(1-3)-[alpha-D-mannopyranose-(1-6)]beta-D-mannopyranose-(1-4)-2-acetamido-2-deoxy-beta-D-glucopyranose-(1-4)-[alpha-L-fucopyranose-(1-6)]2-acetamido-2-deoxy-alpha-D-glucopyranose
4 branched 2-acetamido-2-deoxy-beta-D-glucopyranose-(1-4)-2-acetamido-2-deoxy-beta-D-glucopyranose
5 non-polymer 'BROMIDE ION'
6 non-polymer 'HOLMIUM ATOM'
7 non-polymer 'PHOSPHATE ION'
8 water water
#
_entity_poly.entity_id   1
_entity_poly.type   'polypeptide(L)'
_entity_poly.pdbx_seq_one_letter_code
;YEHSTVMPNVVGFPYKAHIERPGYSPLTLQMQVVETSLEPTLNLEYITCEYKTVVPSPYVKCCGASECSTKEKPDYQCKV
YTGVYPFMWGGAYCFCDSENTQLSEAYVDRSDVCRHDHASAYKAHTASLKAKVRVMYGNVNQTVDVYVNGDHAVTIGGTQ
FIFGPLSSAWTPFDNKIVVYKDEVFNQDFPPYGSGQPGRFGDIQSRTVESNDLYANTALKLARPSPGMVHVPYTQTPSGF
KYWLKEKGTALNTKAPFGCQIKTNPVRAMNCAVGNIPVSMNLPDSAFTRIVEAPTIIDLTCTVATCTHSSDFGGVLTLTY
KTNKNGDCSVHSHSNVATLQEATAKVKTAGKVTLHFSTASASPSFVVSLCSARATCSASCEPPKDHIVPYA
;
_entity_poly.pdbx_strand_id   A,B,C
#
loop_
_chem_comp.id
_chem_comp.type
_chem_comp.name
_chem_comp.formula
BMA D-saccharide, beta linking beta-D-mannopyranose 'C6 H12 O6'
BR non-polymer 'BROMIDE ION' 'Br -1'
FUC L-saccharide, alpha linking alpha-L-fucopyranose 'C6 H12 O5'
FUL L-saccharide, beta linking beta-L-fucopyranose 'C6 H12 O5'
HO non-polymer 'HOLMIUM ATOM' Ho
MAN D-saccharide, alpha linking alpha-D-mannopyranose 'C6 H12 O6'
NAG D-saccharide, beta linking 2-acetamido-2-deoxy-beta-D-glucopyranose 'C8 H15 N O6'
NDG D-saccharide, alpha linking 2-acetamido-2-deoxy-alpha-D-glucopyranose 'C8 H15 N O6'
PO4 non-polymer 'PHOSPHATE ION' 'O4 P -3'
#
# COMPACT_ATOMS: atom_id res chain seq x y z
N TYR A 1 39.44 -0.23 -21.80
CA TYR A 1 38.72 -1.52 -21.55
C TYR A 1 37.73 -1.35 -20.43
N GLU A 2 36.55 -1.92 -20.64
CA GLU A 2 35.46 -1.86 -19.67
C GLU A 2 34.73 -3.17 -19.73
N HIS A 3 34.77 -3.91 -18.64
CA HIS A 3 34.07 -5.18 -18.56
C HIS A 3 32.94 -4.98 -17.57
N SER A 4 31.73 -5.38 -17.94
CA SER A 4 30.58 -5.20 -17.09
C SER A 4 30.10 -6.52 -16.49
N THR A 5 29.54 -6.46 -15.29
CA THR A 5 29.08 -7.65 -14.63
C THR A 5 27.96 -7.28 -13.69
N VAL A 6 27.57 -8.24 -12.86
CA VAL A 6 26.51 -7.98 -11.92
C VAL A 6 26.53 -9.07 -10.87
N MET A 7 26.51 -8.63 -9.62
CA MET A 7 26.53 -9.55 -8.50
C MET A 7 25.20 -9.49 -7.79
N PRO A 8 24.85 -10.55 -7.09
CA PRO A 8 23.60 -10.64 -6.35
C PRO A 8 23.59 -9.72 -5.13
N ASN A 9 22.41 -9.21 -4.82
CA ASN A 9 22.23 -8.32 -3.69
C ASN A 9 21.91 -9.09 -2.44
N VAL A 10 22.70 -10.12 -2.15
CA VAL A 10 22.47 -10.92 -0.95
C VAL A 10 23.70 -10.93 -0.07
N VAL A 11 23.50 -10.60 1.19
CA VAL A 11 24.61 -10.55 2.11
C VAL A 11 25.08 -11.91 2.39
N GLY A 12 26.29 -12.22 1.95
CA GLY A 12 26.84 -13.55 2.18
C GLY A 12 27.37 -14.15 0.89
N PHE A 13 26.46 -14.73 0.08
CA PHE A 13 26.86 -15.34 -1.18
C PHE A 13 27.76 -14.32 -1.88
N PRO A 14 29.05 -14.67 -2.09
CA PRO A 14 30.02 -13.77 -2.73
C PRO A 14 30.13 -13.89 -4.24
N TYR A 15 30.96 -13.03 -4.81
CA TYR A 15 31.23 -13.01 -6.24
C TYR A 15 32.71 -13.26 -6.26
N LYS A 16 33.18 -14.24 -7.03
CA LYS A 16 34.61 -14.53 -7.07
C LYS A 16 35.10 -14.72 -8.48
N ALA A 17 35.91 -13.79 -8.96
CA ALA A 17 36.44 -13.88 -10.32
C ALA A 17 37.94 -14.14 -10.28
N HIS A 18 38.46 -14.75 -11.32
CA HIS A 18 39.87 -15.07 -11.37
C HIS A 18 40.48 -14.27 -12.50
N ILE A 19 40.86 -13.03 -12.21
CA ILE A 19 41.42 -12.16 -13.23
C ILE A 19 42.85 -12.51 -13.62
N GLU A 20 42.98 -13.19 -14.75
CA GLU A 20 44.28 -13.62 -15.28
C GLU A 20 44.81 -12.67 -16.36
N ARG A 21 45.21 -11.47 -15.94
CA ARG A 21 45.76 -10.45 -16.84
C ARG A 21 47.17 -10.81 -17.34
N PRO A 22 47.34 -10.99 -18.66
CA PRO A 22 48.61 -11.36 -19.30
C PRO A 22 49.78 -10.39 -19.02
N GLY A 23 50.55 -10.76 -17.98
CA GLY A 23 51.70 -10.00 -17.54
C GLY A 23 52.45 -10.91 -16.58
N TYR A 24 51.75 -11.34 -15.54
CA TYR A 24 52.32 -12.24 -14.55
C TYR A 24 51.30 -12.80 -13.55
N SER A 25 51.71 -12.78 -12.28
CA SER A 25 50.92 -13.22 -11.16
C SER A 25 49.43 -12.88 -11.36
N PRO A 26 48.57 -13.89 -11.30
CA PRO A 26 47.11 -13.83 -11.47
C PRO A 26 46.38 -13.28 -10.21
N LEU A 27 45.48 -12.32 -10.43
CA LEU A 27 44.71 -11.70 -9.34
C LEU A 27 43.43 -12.43 -9.08
N THR A 28 43.02 -12.43 -7.82
CA THR A 28 41.79 -13.09 -7.42
C THR A 28 40.85 -12.07 -6.83
N LEU A 29 40.00 -11.51 -7.66
CA LEU A 29 39.02 -10.50 -7.23
C LEU A 29 37.85 -11.16 -6.52
N GLN A 30 37.36 -10.52 -5.48
CA GLN A 30 36.24 -11.09 -4.74
C GLN A 30 35.51 -9.98 -3.99
N MET A 31 34.28 -9.71 -4.39
CA MET A 31 33.47 -8.66 -3.78
C MET A 31 32.14 -9.23 -3.36
N GLN A 32 31.73 -8.93 -2.14
CA GLN A 32 30.45 -9.41 -1.66
C GLN A 32 29.78 -8.37 -0.79
N VAL A 33 28.47 -8.42 -0.74
CA VAL A 33 27.72 -7.46 0.05
C VAL A 33 27.81 -7.85 1.49
N VAL A 34 27.86 -6.86 2.38
CA VAL A 34 27.93 -7.17 3.80
C VAL A 34 26.80 -6.55 4.62
N GLU A 35 26.01 -5.67 4.01
CA GLU A 35 24.94 -4.97 4.71
C GLU A 35 23.98 -4.31 3.73
N THR A 36 22.79 -3.97 4.19
CA THR A 36 21.85 -3.34 3.32
C THR A 36 20.91 -2.57 4.18
N SER A 37 20.80 -1.27 3.93
CA SER A 37 19.95 -0.40 4.74
C SER A 37 18.91 0.34 3.94
N LEU A 38 17.64 0.05 4.21
CA LEU A 38 16.55 0.70 3.53
C LEU A 38 15.75 1.47 4.55
N GLU A 39 15.95 2.78 4.61
CA GLU A 39 15.23 3.59 5.58
C GLU A 39 14.06 4.31 4.93
N PRO A 40 12.89 4.26 5.58
CA PRO A 40 11.72 4.94 5.02
C PRO A 40 11.60 6.36 5.57
N THR A 41 10.67 7.13 5.05
CA THR A 41 10.47 8.50 5.53
C THR A 41 9.25 8.54 6.39
N LEU A 42 9.39 8.22 7.67
CA LEU A 42 8.25 8.24 8.57
C LEU A 42 7.65 9.63 8.69
N ASN A 43 6.33 9.72 8.53
CA ASN A 43 5.65 10.99 8.68
C ASN A 43 4.62 10.78 9.80
N LEU A 44 5.07 10.98 11.03
CA LEU A 44 4.22 10.79 12.20
C LEU A 44 2.81 11.29 11.99
N GLU A 45 1.84 10.40 12.06
CA GLU A 45 0.46 10.84 11.90
C GLU A 45 -0.12 11.15 13.27
N TYR A 46 0.04 10.24 14.22
CA TYR A 46 -0.46 10.48 15.57
C TYR A 46 -0.03 9.36 16.49
N ILE A 47 -0.17 9.59 17.79
CA ILE A 47 0.16 8.54 18.73
C ILE A 47 -1.01 8.28 19.67
N THR A 48 -1.10 7.06 20.18
CA THR A 48 -2.17 6.70 21.08
C THR A 48 -1.58 5.98 22.28
N CYS A 49 -2.36 5.92 23.37
CA CYS A 49 -1.96 5.30 24.62
C CYS A 49 -3.12 5.17 25.59
N GLU A 50 -2.92 4.53 26.72
CA GLU A 50 -4.00 4.38 27.70
C GLU A 50 -4.59 5.75 28.03
N TYR A 51 -5.91 5.82 28.09
CA TYR A 51 -6.53 7.09 28.40
C TYR A 51 -6.82 7.18 29.87
N LYS A 52 -7.19 8.39 30.30
CA LYS A 52 -7.51 8.68 31.70
C LYS A 52 -8.82 9.48 31.72
N THR A 53 -9.82 8.99 32.45
CA THR A 53 -11.10 9.70 32.52
C THR A 53 -10.98 10.84 33.52
N VAL A 54 -11.60 11.97 33.25
CA VAL A 54 -11.51 13.12 34.15
C VAL A 54 -12.89 13.70 34.43
N VAL A 55 -13.32 13.62 35.68
CA VAL A 55 -14.61 14.17 36.00
C VAL A 55 -14.43 15.14 37.15
N PRO A 56 -14.74 16.43 36.93
CA PRO A 56 -14.57 17.40 38.01
C PRO A 56 -15.66 17.25 39.08
N SER A 57 -15.59 18.14 40.07
CA SER A 57 -16.56 18.12 41.15
C SER A 57 -17.93 18.49 40.54
N PRO A 58 -18.99 17.79 40.99
CA PRO A 58 -20.35 18.04 40.49
C PRO A 58 -20.99 19.32 41.05
N TYR A 59 -21.94 19.87 40.30
CA TYR A 59 -22.67 21.10 40.68
C TYR A 59 -24.05 20.80 41.29
N VAL A 60 -24.09 20.81 42.62
CA VAL A 60 -25.32 20.56 43.39
C VAL A 60 -26.20 21.80 43.22
N LYS A 61 -27.38 21.61 42.62
CA LYS A 61 -28.25 22.76 42.38
C LYS A 61 -29.64 22.51 42.90
N CYS A 62 -30.40 23.58 43.03
CA CYS A 62 -31.79 23.51 43.49
C CYS A 62 -32.79 23.38 42.32
N CYS A 63 -34.03 23.82 42.52
CA CYS A 63 -35.04 23.74 41.43
C CYS A 63 -34.75 24.88 40.42
N GLY A 64 -33.79 25.73 40.82
CA GLY A 64 -33.34 26.86 40.00
C GLY A 64 -32.41 26.35 38.90
N ALA A 65 -32.77 25.14 38.45
CA ALA A 65 -32.10 24.36 37.43
C ALA A 65 -31.27 25.14 36.41
N SER A 66 -30.08 24.60 36.14
CA SER A 66 -29.18 25.21 35.18
C SER A 66 -29.10 24.30 33.96
N GLU A 67 -28.53 24.82 32.87
CA GLU A 67 -28.35 24.08 31.62
C GLU A 67 -26.92 24.26 31.14
N CYS A 68 -26.29 23.10 30.92
CA CYS A 68 -24.90 23.05 30.49
C CYS A 68 -24.78 23.19 29.00
N SER A 69 -23.88 24.10 28.63
CA SER A 69 -23.58 24.38 27.24
C SER A 69 -22.74 23.23 26.65
N THR A 70 -21.58 23.60 26.08
CA THR A 70 -20.67 22.65 25.48
C THR A 70 -19.32 23.29 25.28
N LYS A 71 -18.33 22.77 25.99
CA LYS A 71 -16.97 23.27 25.93
C LYS A 71 -16.15 22.46 24.90
N GLU A 72 -14.86 22.74 24.84
CA GLU A 72 -13.98 22.05 23.90
C GLU A 72 -13.07 21.08 24.64
N LYS A 73 -13.61 19.92 24.97
CA LYS A 73 -12.82 18.93 25.67
C LYS A 73 -12.97 17.56 25.04
N PRO A 74 -11.88 16.79 25.01
CA PRO A 74 -11.90 15.45 24.42
C PRO A 74 -13.11 14.62 24.83
N ASP A 75 -13.98 14.27 23.87
CA ASP A 75 -15.12 13.45 24.19
C ASP A 75 -15.95 14.07 25.29
N TYR A 76 -15.79 15.37 25.49
CA TYR A 76 -16.52 16.11 26.53
C TYR A 76 -18.01 15.85 26.57
N GLN A 77 -18.53 15.67 27.78
CA GLN A 77 -19.94 15.40 28.01
C GLN A 77 -20.46 16.25 29.18
N CYS A 78 -21.78 16.30 29.31
CA CYS A 78 -22.47 17.02 30.40
C CYS A 78 -23.99 16.81 30.23
N LYS A 79 -24.66 16.59 31.36
CA LYS A 79 -26.09 16.36 31.37
C LYS A 79 -26.75 16.89 32.64
N VAL A 80 -27.79 17.70 32.44
CA VAL A 80 -28.52 18.30 33.56
C VAL A 80 -29.57 17.31 34.06
N TYR A 81 -29.36 16.78 35.26
CA TYR A 81 -30.29 15.81 35.80
C TYR A 81 -31.44 16.40 36.65
N THR A 82 -32.65 16.29 36.09
CA THR A 82 -33.86 16.82 36.73
C THR A 82 -34.52 15.83 37.71
N GLY A 83 -34.63 16.24 38.98
CA GLY A 83 -35.25 15.38 39.98
C GLY A 83 -34.41 14.21 40.53
N VAL A 84 -33.32 14.54 41.24
CA VAL A 84 -32.39 13.57 41.86
C VAL A 84 -32.23 13.66 43.39
N TYR A 85 -32.16 12.46 43.97
CA TYR A 85 -32.03 12.19 45.41
C TYR A 85 -32.49 13.18 46.48
N PRO A 86 -33.41 12.69 47.33
CA PRO A 86 -33.99 13.45 48.44
C PRO A 86 -33.06 13.64 49.65
N PHE A 87 -32.56 14.88 49.73
CA PHE A 87 -31.68 15.40 50.79
C PHE A 87 -31.80 16.94 50.61
N MET A 88 -31.42 17.74 51.60
CA MET A 88 -31.53 19.21 51.44
C MET A 88 -30.91 20.05 52.55
N TRP A 89 -30.80 21.36 52.24
CA TRP A 89 -30.29 22.40 53.16
C TRP A 89 -31.51 23.31 53.56
N GLY A 90 -31.56 23.65 54.87
CA GLY A 90 -32.62 24.49 55.43
C GLY A 90 -33.82 23.66 55.89
N GLY A 91 -34.66 23.35 54.90
CA GLY A 91 -35.88 22.55 55.07
C GLY A 91 -36.55 22.32 53.71
N ALA A 92 -35.82 21.69 52.77
CA ALA A 92 -36.31 21.41 51.39
C ALA A 92 -36.88 22.67 50.70
N TYR A 93 -36.04 23.70 50.56
CA TYR A 93 -36.43 25.00 49.96
C TYR A 93 -36.69 25.12 48.44
N CYS A 94 -35.83 24.51 47.61
CA CYS A 94 -35.94 24.57 46.14
C CYS A 94 -37.41 24.80 45.71
N PHE A 95 -38.24 23.75 45.75
CA PHE A 95 -39.66 23.80 45.36
C PHE A 95 -39.90 23.64 43.85
N CYS A 96 -40.00 24.78 43.16
CA CYS A 96 -40.25 24.90 41.70
C CYS A 96 -39.88 23.69 40.81
N ASP A 97 -40.75 22.67 40.83
CA ASP A 97 -40.58 21.45 40.05
C ASP A 97 -39.18 20.83 40.12
N SER A 98 -39.05 19.65 39.52
CA SER A 98 -37.79 18.90 39.49
C SER A 98 -37.32 18.40 40.87
N GLU A 99 -37.35 19.33 41.85
CA GLU A 99 -36.92 19.13 43.26
C GLU A 99 -35.40 19.41 43.39
N ASN A 100 -34.63 18.84 42.44
CA ASN A 100 -33.18 18.98 42.34
C ASN A 100 -32.52 18.69 40.97
N THR A 101 -31.86 19.70 40.42
CA THR A 101 -31.13 19.56 39.17
C THR A 101 -29.64 19.29 39.49
N GLN A 102 -29.05 18.37 38.72
CA GLN A 102 -27.63 17.99 38.84
C GLN A 102 -26.89 18.19 37.51
N LEU A 103 -25.82 18.97 37.58
CA LEU A 103 -25.00 19.29 36.41
C LEU A 103 -23.74 18.42 36.44
N SER A 104 -23.85 17.23 35.86
CA SER A 104 -22.73 16.32 35.82
C SER A 104 -22.01 16.46 34.49
N GLU A 105 -20.68 16.33 34.53
CA GLU A 105 -19.83 16.44 33.34
C GLU A 105 -18.48 15.72 33.52
N ALA A 106 -17.91 15.27 32.41
CA ALA A 106 -16.61 14.60 32.37
C ALA A 106 -16.03 14.47 30.95
N TYR A 107 -14.73 14.62 30.86
CA TYR A 107 -14.06 14.54 29.58
C TYR A 107 -12.86 13.59 29.64
N VAL A 108 -12.01 13.65 28.61
CA VAL A 108 -10.87 12.76 28.58
C VAL A 108 -9.53 13.42 28.31
N ASP A 109 -8.48 12.78 28.80
CA ASP A 109 -7.12 13.23 28.59
C ASP A 109 -6.25 12.00 28.68
N ARG A 110 -5.20 11.97 27.89
CA ARG A 110 -4.32 10.82 27.88
C ARG A 110 -3.64 10.55 29.20
N SER A 111 -3.65 9.27 29.59
CA SER A 111 -3.05 8.85 30.85
C SER A 111 -1.66 9.43 31.12
N ASP A 112 -1.36 9.58 32.40
CA ASP A 112 -0.08 10.13 32.83
C ASP A 112 1.07 9.17 32.49
N VAL A 113 0.77 8.07 31.81
CA VAL A 113 1.82 7.11 31.49
C VAL A 113 2.20 7.10 30.02
N CYS A 114 1.50 7.89 29.21
CA CYS A 114 1.77 7.93 27.77
C CYS A 114 3.24 8.21 27.55
N ARG A 115 3.75 9.23 28.22
CA ARG A 115 5.15 9.61 28.03
C ARG A 115 6.08 8.41 27.84
N HIS A 116 6.05 7.46 28.76
CA HIS A 116 6.94 6.31 28.66
C HIS A 116 6.26 5.00 28.30
N ASP A 117 5.22 5.06 27.45
CA ASP A 117 4.49 3.87 27.04
C ASP A 117 3.36 4.22 26.08
N HIS A 118 3.73 4.40 24.82
CA HIS A 118 2.76 4.77 23.80
C HIS A 118 3.26 4.22 22.48
N ALA A 119 2.34 4.00 21.55
CA ALA A 119 2.70 3.48 20.26
C ALA A 119 2.65 4.66 19.33
N SER A 120 3.25 4.51 18.16
CA SER A 120 3.26 5.57 17.17
C SER A 120 2.78 5.06 15.82
N ALA A 121 2.02 5.90 15.14
CA ALA A 121 1.49 5.56 13.83
C ALA A 121 2.09 6.48 12.79
N TYR A 122 3.08 5.99 12.06
CA TYR A 122 3.72 6.80 11.04
C TYR A 122 3.22 6.42 9.65
N LYS A 123 3.48 7.31 8.70
CA LYS A 123 3.07 7.06 7.34
C LYS A 123 4.44 7.03 6.68
N ALA A 124 4.91 5.84 6.31
CA ALA A 124 6.25 5.70 5.73
C ALA A 124 6.33 5.33 4.27
N HIS A 125 7.35 5.86 3.58
CA HIS A 125 7.60 5.56 2.17
C HIS A 125 9.08 5.42 1.99
N THR A 126 9.51 4.42 1.25
CA THR A 126 10.94 4.25 1.05
C THR A 126 11.69 5.54 0.66
N ALA A 127 12.67 5.96 1.47
CA ALA A 127 13.44 7.18 1.24
C ALA A 127 14.79 6.96 0.56
N SER A 128 15.47 5.89 0.95
CA SER A 128 16.74 5.50 0.32
C SER A 128 17.24 4.15 0.80
N LEU A 129 17.95 3.51 -0.11
CA LEU A 129 18.49 2.21 0.13
C LEU A 129 19.91 2.22 -0.34
N LYS A 130 20.83 1.88 0.57
CA LYS A 130 22.26 1.82 0.26
C LYS A 130 22.80 0.52 0.78
N ALA A 131 23.90 0.07 0.20
CA ALA A 131 24.53 -1.18 0.61
C ALA A 131 26.04 -1.04 0.73
N LYS A 132 26.63 -1.87 1.59
CA LYS A 132 28.05 -1.85 1.78
C LYS A 132 28.65 -3.09 1.13
N VAL A 133 29.53 -2.86 0.17
CA VAL A 133 30.18 -3.95 -0.55
C VAL A 133 31.67 -3.99 -0.25
N ARG A 134 32.15 -5.13 0.21
CA ARG A 134 33.55 -5.27 0.53
C ARG A 134 34.25 -5.95 -0.64
N VAL A 135 35.09 -5.21 -1.34
CA VAL A 135 35.79 -5.81 -2.46
C VAL A 135 37.21 -6.14 -2.08
N MET A 136 37.62 -7.36 -2.36
CA MET A 136 38.96 -7.82 -2.03
C MET A 136 39.72 -8.10 -3.31
N TYR A 137 40.35 -7.05 -3.80
CA TYR A 137 41.12 -7.12 -5.04
C TYR A 137 42.54 -7.52 -4.71
N GLY A 138 42.91 -8.70 -5.14
CA GLY A 138 44.26 -9.17 -4.88
C GLY A 138 44.64 -9.05 -3.43
N ASN A 139 45.59 -8.17 -3.15
CA ASN A 139 46.08 -7.97 -1.79
C ASN A 139 45.57 -6.67 -1.19
N VAL A 140 44.36 -6.28 -1.59
CA VAL A 140 43.76 -5.06 -1.09
C VAL A 140 42.31 -5.25 -0.77
N ASN A 141 41.88 -4.68 0.34
CA ASN A 141 40.52 -4.80 0.79
C ASN A 141 39.92 -3.43 1.03
N GLN A 142 38.83 -3.14 0.34
CA GLN A 142 38.19 -1.84 0.48
C GLN A 142 36.68 -1.98 0.49
N THR A 143 35.99 -1.12 1.24
CA THR A 143 34.54 -1.16 1.30
C THR A 143 33.93 0.03 0.59
N VAL A 144 33.04 -0.25 -0.34
CA VAL A 144 32.41 0.81 -1.09
C VAL A 144 30.93 0.89 -0.82
N ASP A 145 30.39 2.10 -0.90
CA ASP A 145 28.96 2.30 -0.68
C ASP A 145 28.24 2.31 -2.02
N VAL A 146 27.10 1.64 -2.09
CA VAL A 146 26.35 1.62 -3.34
C VAL A 146 24.91 1.99 -3.07
N TYR A 147 24.32 2.81 -3.95
CA TYR A 147 22.92 3.22 -3.76
C TYR A 147 21.98 2.85 -4.92
N VAL A 148 20.79 3.44 -4.89
CA VAL A 148 19.81 3.23 -5.94
C VAL A 148 19.64 4.56 -6.61
N ASN A 149 19.76 5.61 -5.81
CA ASN A 149 19.61 6.96 -6.26
C ASN A 149 20.94 7.43 -6.82
N GLY A 150 21.45 6.68 -7.80
CA GLY A 150 22.71 7.04 -8.42
C GLY A 150 23.78 5.97 -8.35
N ASP A 151 24.77 6.08 -9.24
CA ASP A 151 25.85 5.12 -9.26
C ASP A 151 26.95 5.64 -8.35
N HIS A 152 28.15 5.07 -8.48
CA HIS A 152 29.28 5.46 -7.67
C HIS A 152 30.53 4.89 -8.26
N ALA A 153 31.46 5.79 -8.59
CA ALA A 153 32.72 5.40 -9.18
C ALA A 153 33.82 5.48 -8.17
N VAL A 154 34.65 4.46 -8.12
CA VAL A 154 35.74 4.48 -7.17
C VAL A 154 36.95 3.78 -7.74
N THR A 155 38.13 4.20 -7.31
CA THR A 155 39.35 3.58 -7.80
C THR A 155 39.99 2.74 -6.73
N ILE A 156 40.11 1.46 -6.99
CA ILE A 156 40.69 0.55 -6.01
C ILE A 156 41.72 -0.40 -6.60
N GLY A 157 42.93 -0.37 -6.08
CA GLY A 157 43.97 -1.24 -6.58
C GLY A 157 44.54 -0.74 -7.89
N GLY A 158 44.35 0.54 -8.17
CA GLY A 158 44.83 1.10 -9.41
C GLY A 158 43.90 0.75 -10.55
N THR A 159 42.75 0.19 -10.19
CA THR A 159 41.78 -0.17 -11.19
C THR A 159 40.51 0.65 -10.94
N GLN A 160 39.82 1.04 -12.00
CA GLN A 160 38.64 1.85 -11.81
C GLN A 160 37.40 0.98 -11.71
N PHE A 161 36.59 1.23 -10.69
CA PHE A 161 35.35 0.48 -10.49
C PHE A 161 34.14 1.40 -10.50
N ILE A 162 33.03 0.93 -11.04
CA ILE A 162 31.83 1.75 -11.04
C ILE A 162 30.69 0.85 -10.63
N PHE A 163 30.16 1.06 -9.43
CA PHE A 163 29.05 0.23 -8.97
C PHE A 163 27.70 0.86 -9.32
N GLY A 164 27.21 0.56 -10.52
CA GLY A 164 25.96 1.10 -11.01
C GLY A 164 24.89 1.03 -9.95
N PRO A 165 23.77 1.75 -10.11
CA PRO A 165 22.64 1.80 -9.16
C PRO A 165 22.05 0.43 -8.90
N LEU A 166 21.69 0.17 -7.66
CA LEU A 166 21.08 -1.09 -7.32
C LEU A 166 19.83 -1.32 -8.19
N SER A 167 19.67 -2.52 -8.73
CA SER A 167 18.53 -2.81 -9.57
C SER A 167 17.21 -2.26 -9.06
N SER A 168 16.83 -2.60 -7.83
CA SER A 168 15.57 -2.10 -7.30
C SER A 168 15.67 -1.83 -5.82
N ALA A 169 14.57 -1.34 -5.23
CA ALA A 169 14.56 -1.05 -3.81
C ALA A 169 13.27 -1.56 -3.19
N TRP A 170 13.29 -2.83 -2.80
CA TRP A 170 12.15 -3.49 -2.19
C TRP A 170 12.06 -3.15 -0.74
N THR A 171 10.84 -2.95 -0.27
CA THR A 171 10.62 -2.59 1.13
C THR A 171 9.55 -3.48 1.74
N PRO A 172 9.80 -3.96 2.95
CA PRO A 172 8.88 -4.81 3.69
C PRO A 172 7.89 -3.98 4.49
N PHE A 173 8.07 -2.66 4.45
CA PHE A 173 7.20 -1.72 5.16
C PHE A 173 6.07 -1.22 4.29
N ASP A 174 4.85 -1.26 4.82
CA ASP A 174 3.70 -0.76 4.06
C ASP A 174 3.71 0.74 4.10
N ASN A 175 2.66 1.37 3.59
CA ASN A 175 2.64 2.82 3.61
C ASN A 175 2.08 3.35 4.90
N LYS A 176 1.64 2.46 5.77
CA LYS A 176 1.13 2.86 7.06
C LYS A 176 1.60 1.84 8.07
N ILE A 177 2.45 2.28 8.99
CA ILE A 177 2.96 1.39 10.01
C ILE A 177 2.74 1.96 11.38
N VAL A 178 3.04 1.14 12.39
CA VAL A 178 2.90 1.53 13.80
C VAL A 178 4.10 1.02 14.58
N VAL A 179 4.82 1.94 15.20
CA VAL A 179 5.99 1.58 15.97
C VAL A 179 5.67 1.69 17.44
N TYR A 180 5.85 0.57 18.14
CA TYR A 180 5.58 0.54 19.55
C TYR A 180 6.84 0.70 20.37
N LYS A 181 7.48 -0.40 20.69
CA LYS A 181 8.68 -0.21 21.47
C LYS A 181 9.86 -0.46 20.57
N ASP A 182 10.21 -1.72 20.47
CA ASP A 182 11.30 -2.19 19.64
C ASP A 182 10.62 -2.97 18.51
N GLU A 183 9.29 -2.96 18.52
CA GLU A 183 8.48 -3.67 17.52
C GLU A 183 7.93 -2.73 16.44
N VAL A 184 7.66 -3.29 15.28
CA VAL A 184 7.10 -2.51 14.18
C VAL A 184 6.00 -3.32 13.56
N PHE A 185 4.89 -2.67 13.29
CA PHE A 185 3.74 -3.36 12.73
C PHE A 185 3.23 -2.72 11.47
N ASN A 186 2.66 -3.53 10.59
CA ASN A 186 2.09 -3.01 9.38
C ASN A 186 0.59 -2.89 9.61
N GLN A 187 0.10 -1.83 10.22
CA GLN A 187 -1.35 -1.71 10.46
C GLN A 187 -2.05 -0.56 9.73
N ASP A 188 -3.21 -0.83 9.13
CA ASP A 188 -4.00 0.22 8.44
C ASP A 188 -4.70 0.98 9.56
N PHE A 189 -3.93 1.43 10.56
CA PHE A 189 -4.45 2.20 11.71
C PHE A 189 -5.45 3.29 11.32
N PRO A 190 -6.57 3.37 12.04
CA PRO A 190 -7.54 4.41 11.68
C PRO A 190 -6.90 5.78 11.58
N PRO A 191 -7.41 6.64 10.69
CA PRO A 191 -6.90 7.99 10.49
C PRO A 191 -6.89 8.79 11.77
N TYR A 192 -6.49 10.06 11.67
CA TYR A 192 -6.43 10.88 12.85
C TYR A 192 -7.77 10.99 13.58
N GLY A 193 -8.59 11.97 13.23
CA GLY A 193 -9.85 12.13 13.91
C GLY A 193 -10.84 11.06 13.50
N SER A 194 -10.54 9.81 13.73
CA SER A 194 -11.46 8.81 13.29
C SER A 194 -11.41 7.59 14.17
N GLY A 195 -10.77 7.77 15.31
CA GLY A 195 -10.64 6.68 16.25
C GLY A 195 -11.98 6.16 16.74
N GLN A 196 -12.00 4.89 17.13
CA GLN A 196 -13.21 4.25 17.64
C GLN A 196 -12.96 3.73 19.06
N PRO A 197 -14.00 3.71 19.89
CA PRO A 197 -13.86 3.22 21.26
C PRO A 197 -13.47 1.74 21.35
N GLY A 198 -12.73 1.41 22.40
CA GLY A 198 -12.26 0.05 22.62
C GLY A 198 -11.44 -0.53 21.48
N ARG A 199 -10.79 0.32 20.71
CA ARG A 199 -10.02 -0.16 19.60
C ARG A 199 -8.80 0.72 19.49
N PHE A 200 -7.76 0.24 18.84
CA PHE A 200 -6.55 1.03 18.69
C PHE A 200 -6.93 2.41 18.19
N GLY A 201 -6.31 3.43 18.78
CA GLY A 201 -6.61 4.79 18.38
C GLY A 201 -7.76 5.37 19.18
N ASP A 202 -8.07 4.73 20.30
CA ASP A 202 -9.14 5.17 21.19
C ASP A 202 -9.05 6.69 21.34
N ILE A 203 -7.86 7.14 21.68
CA ILE A 203 -7.63 8.55 21.80
C ILE A 203 -6.51 8.75 20.81
N GLN A 204 -6.34 10.00 20.36
CA GLN A 204 -5.30 10.31 19.39
C GLN A 204 -4.79 11.72 19.52
N SER A 205 -3.49 11.88 19.36
CA SER A 205 -2.87 13.21 19.40
C SER A 205 -1.60 13.15 18.58
N ARG A 206 -1.24 14.27 17.96
CA ARG A 206 -0.04 14.28 17.13
C ARG A 206 1.15 13.78 17.92
N THR A 207 1.37 14.36 19.09
CA THR A 207 2.49 13.94 19.89
C THR A 207 2.06 13.83 21.34
N VAL A 208 2.93 13.30 22.18
CA VAL A 208 2.60 13.15 23.60
C VAL A 208 2.35 14.49 24.27
N GLU A 209 3.20 15.47 23.98
CA GLU A 209 3.09 16.83 24.54
C GLU A 209 2.12 17.69 23.72
N SER A 210 1.56 17.08 22.67
CA SER A 210 0.61 17.75 21.78
C SER A 210 -0.55 18.41 22.52
N ASN A 211 -1.33 19.18 21.79
CA ASN A 211 -2.46 19.84 22.39
C ASN A 211 -3.66 19.74 21.46
N ASP A 212 -3.78 18.60 20.79
CA ASP A 212 -4.88 18.37 19.88
C ASP A 212 -5.53 17.04 20.22
N LEU A 213 -5.55 16.72 21.51
CA LEU A 213 -6.10 15.45 21.90
C LEU A 213 -7.49 15.19 21.38
N TYR A 214 -7.65 14.01 20.77
CA TYR A 214 -8.93 13.59 20.24
C TYR A 214 -9.25 12.28 20.90
N ALA A 215 -10.52 12.09 21.27
CA ALA A 215 -10.91 10.85 21.90
C ALA A 215 -12.31 10.50 21.51
N ASN A 216 -12.66 9.24 21.74
CA ASN A 216 -13.97 8.72 21.39
C ASN A 216 -14.12 7.43 22.17
N THR A 217 -14.18 7.56 23.49
CA THR A 217 -14.29 6.41 24.37
C THR A 217 -15.72 6.01 24.68
N ALA A 218 -16.68 6.69 24.08
CA ALA A 218 -18.07 6.35 24.33
C ALA A 218 -18.39 6.62 25.79
N LEU A 219 -18.01 7.80 26.23
CA LEU A 219 -18.24 8.22 27.58
C LEU A 219 -19.74 8.54 27.69
N LYS A 220 -20.45 7.84 28.58
CA LYS A 220 -21.88 8.08 28.76
C LYS A 220 -22.21 8.42 30.22
N LEU A 221 -22.84 9.58 30.43
CA LEU A 221 -23.23 10.05 31.77
C LEU A 221 -24.49 9.35 32.26
N ALA A 222 -24.37 8.76 33.44
CA ALA A 222 -25.47 8.02 34.08
C ALA A 222 -26.06 8.88 35.19
N ARG A 223 -27.33 8.64 35.51
CA ARG A 223 -28.08 9.37 36.53
C ARG A 223 -27.63 8.97 37.92
N PRO A 224 -27.41 9.96 38.79
CA PRO A 224 -26.95 9.68 40.16
C PRO A 224 -27.83 8.70 40.96
N SER A 225 -27.17 7.95 41.83
CA SER A 225 -27.81 6.96 42.66
C SER A 225 -28.01 7.53 44.06
N PRO A 226 -29.26 7.60 44.54
CA PRO A 226 -29.53 8.13 45.89
C PRO A 226 -28.51 7.70 46.97
N GLY A 227 -28.12 8.65 47.82
CA GLY A 227 -27.15 8.36 48.88
C GLY A 227 -26.05 9.41 49.04
N MET A 228 -24.91 9.15 48.40
CA MET A 228 -23.77 10.05 48.44
C MET A 228 -23.58 10.59 47.03
N VAL A 229 -23.80 11.88 46.79
CA VAL A 229 -23.63 12.38 45.41
C VAL A 229 -22.25 12.12 44.83
N HIS A 230 -22.24 11.61 43.60
CA HIS A 230 -21.04 11.26 42.84
C HIS A 230 -21.39 11.30 41.34
N VAL A 231 -20.46 10.96 40.47
CA VAL A 231 -20.78 11.00 39.04
C VAL A 231 -20.66 9.66 38.36
N PRO A 232 -21.79 9.01 38.12
CA PRO A 232 -21.84 7.70 37.46
C PRO A 232 -21.76 7.88 35.96
N TYR A 233 -21.15 6.90 35.30
CA TYR A 233 -20.98 6.93 33.85
C TYR A 233 -20.49 5.60 33.31
N THR A 234 -20.72 5.38 32.01
CA THR A 234 -20.28 4.17 31.34
C THR A 234 -19.24 4.54 30.32
N GLN A 235 -18.27 3.66 30.15
CA GLN A 235 -17.21 3.89 29.17
C GLN A 235 -16.86 2.63 28.39
N THR A 236 -15.61 2.58 27.95
CA THR A 236 -15.16 1.42 27.20
C THR A 236 -13.68 1.30 27.50
N PRO A 237 -13.29 0.24 28.21
CA PRO A 237 -11.88 0.03 28.57
C PRO A 237 -10.88 0.40 27.48
N SER A 238 -9.81 1.09 27.89
CA SER A 238 -8.76 1.54 26.98
C SER A 238 -8.51 0.66 25.78
N GLY A 239 -8.87 1.14 24.61
CA GLY A 239 -8.65 0.37 23.39
C GLY A 239 -7.20 0.01 23.33
N PHE A 240 -6.35 0.94 23.74
CA PHE A 240 -4.91 0.69 23.70
C PHE A 240 -4.58 -0.62 24.41
N LYS A 241 -5.16 -0.82 25.58
CA LYS A 241 -4.89 -2.04 26.30
C LYS A 241 -5.35 -3.19 25.44
N TYR A 242 -6.55 -3.06 24.87
CA TYR A 242 -7.07 -4.12 24.03
C TYR A 242 -6.11 -4.43 22.89
N TRP A 243 -5.59 -3.39 22.24
CA TRP A 243 -4.66 -3.58 21.15
C TRP A 243 -3.48 -4.42 21.56
N LEU A 244 -2.93 -4.11 22.73
CA LEU A 244 -1.80 -4.86 23.24
C LEU A 244 -2.02 -6.35 23.15
N LYS A 245 -3.21 -6.83 23.53
CA LYS A 245 -3.50 -8.26 23.48
C LYS A 245 -3.77 -8.73 22.05
N GLU A 246 -4.42 -7.88 21.26
CA GLU A 246 -4.77 -8.23 19.89
C GLU A 246 -3.59 -8.30 18.93
N LYS A 247 -3.04 -7.14 18.57
CA LYS A 247 -1.89 -7.01 17.65
C LYS A 247 -1.04 -8.26 17.60
N GLY A 248 -1.09 -8.96 16.48
CA GLY A 248 -0.31 -10.17 16.41
C GLY A 248 1.19 -10.00 16.62
N THR A 249 1.93 -10.81 15.88
CA THR A 249 3.37 -10.80 15.92
C THR A 249 3.83 -9.58 15.12
N ALA A 250 5.01 -9.09 15.43
CA ALA A 250 5.52 -7.93 14.72
C ALA A 250 6.15 -8.30 13.39
N LEU A 251 6.46 -7.28 12.61
CA LEU A 251 7.09 -7.48 11.32
C LEU A 251 8.48 -8.04 11.59
N ASN A 252 9.05 -7.61 12.72
CA ASN A 252 10.38 -8.03 13.11
C ASN A 252 10.71 -9.47 12.82
N THR A 253 9.70 -10.32 12.74
CA THR A 253 9.95 -11.73 12.48
C THR A 253 9.08 -12.29 11.38
N LYS A 254 8.45 -11.42 10.62
CA LYS A 254 7.62 -11.90 9.55
C LYS A 254 8.11 -11.29 8.26
N ALA A 255 9.21 -10.55 8.35
CA ALA A 255 9.76 -9.89 7.19
C ALA A 255 10.23 -10.90 6.15
N PRO A 256 9.72 -10.78 4.92
CA PRO A 256 10.08 -11.66 3.81
C PRO A 256 11.49 -11.44 3.34
N PHE A 257 11.90 -12.26 2.39
CA PHE A 257 13.22 -12.17 1.80
C PHE A 257 14.38 -12.02 2.80
N GLY A 258 14.27 -12.67 3.96
CA GLY A 258 15.32 -12.62 4.95
C GLY A 258 15.62 -11.24 5.49
N CYS A 259 14.75 -10.31 5.15
CA CYS A 259 14.89 -8.93 5.59
C CYS A 259 14.85 -8.88 7.14
N GLN A 260 15.70 -8.04 7.75
CA GLN A 260 15.77 -7.91 9.22
C GLN A 260 15.31 -6.54 9.65
N ILE A 261 14.36 -6.44 10.57
CA ILE A 261 13.89 -5.12 10.98
C ILE A 261 14.64 -4.52 12.17
N LYS A 262 14.80 -3.22 12.19
CA LYS A 262 15.46 -2.59 13.31
C LYS A 262 14.63 -1.40 13.76
N THR A 263 14.79 -0.96 15.00
CA THR A 263 13.92 0.08 15.50
C THR A 263 14.35 1.50 15.77
N ASN A 264 15.58 1.73 16.19
CA ASN A 264 15.89 3.11 16.49
C ASN A 264 15.65 4.03 15.31
N PRO A 265 16.46 3.92 14.26
CA PRO A 265 16.16 4.82 13.15
C PRO A 265 15.04 4.24 12.30
N VAL A 266 14.70 2.97 12.52
CA VAL A 266 13.63 2.30 11.76
C VAL A 266 14.00 1.99 10.35
N ARG A 267 14.46 0.77 10.12
CA ARG A 267 14.85 0.42 8.77
C ARG A 267 14.84 -1.07 8.58
N ALA A 268 15.05 -1.50 7.35
CA ALA A 268 15.08 -2.91 7.03
C ALA A 268 16.50 -3.22 6.61
N MET A 269 17.09 -4.28 7.18
CA MET A 269 18.47 -4.64 6.85
C MET A 269 18.62 -5.91 6.03
N ASN A 270 19.74 -6.01 5.31
CA ASN A 270 20.08 -7.15 4.49
C ASN A 270 18.99 -7.76 3.64
N CYS A 271 18.01 -6.94 3.32
CA CYS A 271 16.91 -7.35 2.49
C CYS A 271 17.50 -7.92 1.20
N ALA A 272 17.18 -9.17 0.89
CA ALA A 272 17.75 -9.83 -0.28
C ALA A 272 16.97 -9.81 -1.56
N VAL A 273 17.00 -8.68 -2.26
CA VAL A 273 16.26 -8.57 -3.49
C VAL A 273 17.02 -7.73 -4.50
N GLY A 274 17.31 -8.28 -5.66
CA GLY A 274 18.00 -7.49 -6.66
C GLY A 274 19.42 -7.86 -7.01
N ASN A 275 20.09 -6.96 -7.72
CA ASN A 275 21.46 -7.17 -8.12
C ASN A 275 22.21 -5.85 -8.13
N ILE A 276 23.53 -5.93 -8.09
CA ILE A 276 24.38 -4.75 -8.10
C ILE A 276 25.36 -4.90 -9.24
N PRO A 277 25.22 -4.08 -10.29
CA PRO A 277 26.09 -4.10 -11.47
C PRO A 277 27.39 -3.34 -11.27
N VAL A 278 28.48 -3.87 -11.80
CA VAL A 278 29.79 -3.25 -11.66
C VAL A 278 30.52 -3.24 -12.99
N SER A 279 31.64 -2.51 -13.06
CA SER A 279 32.40 -2.46 -14.31
C SER A 279 33.81 -2.00 -13.99
N MET A 280 34.79 -2.48 -14.75
CA MET A 280 36.20 -2.13 -14.52
C MET A 280 36.97 -1.93 -15.82
N ASN A 281 38.29 -1.72 -15.71
CA ASN A 281 39.20 -1.51 -16.86
C ASN A 281 39.94 -2.80 -17.16
N LEU A 282 39.23 -3.76 -17.72
CA LEU A 282 39.81 -5.05 -18.01
C LEU A 282 38.99 -5.77 -19.07
N PRO A 283 39.64 -6.44 -20.01
CA PRO A 283 38.93 -7.17 -21.08
C PRO A 283 38.21 -8.40 -20.53
N ASP A 284 37.08 -8.78 -21.14
CA ASP A 284 36.29 -9.94 -20.70
C ASP A 284 37.14 -11.18 -20.90
N SER A 285 38.33 -10.95 -21.42
CA SER A 285 39.33 -12.00 -21.69
C SER A 285 40.10 -12.35 -20.42
N ALA A 286 40.59 -11.33 -19.72
CA ALA A 286 41.31 -11.61 -18.51
C ALA A 286 40.35 -12.14 -17.42
N PHE A 287 39.06 -11.85 -17.57
CA PHE A 287 38.06 -12.27 -16.57
C PHE A 287 37.61 -13.73 -16.67
N THR A 288 37.40 -14.38 -15.53
CA THR A 288 36.98 -15.78 -15.54
C THR A 288 36.32 -16.02 -14.20
N ARG A 289 35.01 -16.23 -14.17
CA ARG A 289 34.38 -16.43 -12.88
C ARG A 289 34.59 -17.78 -12.25
N ILE A 290 34.62 -17.75 -10.92
CA ILE A 290 34.83 -18.90 -10.07
C ILE A 290 33.57 -19.16 -9.24
N VAL A 291 33.10 -20.39 -9.24
CA VAL A 291 31.90 -20.73 -8.48
C VAL A 291 32.11 -21.99 -7.68
N GLU A 292 32.57 -21.84 -6.45
CA GLU A 292 32.83 -22.97 -5.60
C GLU A 292 31.85 -23.05 -4.44
N ALA A 293 30.79 -23.84 -4.67
CA ALA A 293 29.77 -24.03 -3.65
C ALA A 293 29.89 -25.35 -2.92
N PRO A 294 29.52 -25.34 -1.64
CA PRO A 294 29.59 -26.54 -0.82
C PRO A 294 28.67 -27.64 -1.37
N THR A 295 29.27 -28.77 -1.74
CA THR A 295 28.47 -29.86 -2.29
C THR A 295 27.77 -30.62 -1.18
N ILE A 296 26.44 -30.68 -1.23
CA ILE A 296 25.73 -31.40 -0.17
C ILE A 296 24.86 -32.54 -0.72
N ILE A 297 24.72 -33.59 0.08
CA ILE A 297 23.91 -34.75 -0.28
C ILE A 297 23.18 -35.34 0.90
N ASP A 298 22.26 -36.26 0.58
CA ASP A 298 21.42 -36.92 1.58
C ASP A 298 20.54 -35.88 2.26
N LEU A 299 19.84 -35.11 1.43
CA LEU A 299 18.98 -34.08 1.96
C LEU A 299 17.73 -34.68 2.58
N THR A 300 17.25 -34.07 3.67
CA THR A 300 16.06 -34.57 4.30
C THR A 300 15.24 -33.48 5.01
N CYS A 301 13.98 -33.36 4.60
CA CYS A 301 13.08 -32.36 5.15
C CYS A 301 12.22 -32.90 6.27
N THR A 302 11.98 -32.07 7.28
CA THR A 302 11.16 -32.50 8.41
C THR A 302 10.44 -31.32 9.01
N VAL A 303 9.13 -31.26 8.82
CA VAL A 303 8.36 -30.15 9.37
C VAL A 303 7.88 -30.36 10.80
N ALA A 304 8.38 -29.55 11.73
CA ALA A 304 7.99 -29.68 13.14
C ALA A 304 6.57 -29.19 13.33
N THR A 305 6.46 -27.88 13.50
CA THR A 305 5.16 -27.25 13.67
C THR A 305 4.86 -26.42 12.45
N CYS A 306 3.57 -26.23 12.21
CA CYS A 306 3.09 -25.44 11.09
C CYS A 306 1.67 -24.89 11.28
N THR A 307 1.53 -23.59 11.03
CA THR A 307 0.24 -22.94 11.15
C THR A 307 -0.21 -22.49 9.77
N HIS A 308 -1.50 -22.72 9.53
CA HIS A 308 -2.21 -22.43 8.29
C HIS A 308 -1.87 -21.14 7.56
N SER A 309 -2.87 -20.28 7.39
CA SER A 309 -2.70 -19.03 6.68
C SER A 309 -2.17 -17.88 7.57
N SER A 310 -0.87 -17.90 7.82
CA SER A 310 -0.21 -16.89 8.65
C SER A 310 1.25 -16.74 8.24
N ASP A 311 1.67 -15.49 8.03
CA ASP A 311 3.03 -15.16 7.62
C ASP A 311 4.08 -16.04 8.28
N PHE A 312 4.58 -16.98 7.49
CA PHE A 312 5.61 -17.95 7.88
C PHE A 312 5.30 -18.67 9.18
N GLY A 313 4.21 -19.43 9.17
CA GLY A 313 3.81 -20.15 10.36
C GLY A 313 4.40 -21.54 10.45
N GLY A 314 5.16 -21.93 9.44
CA GLY A 314 5.75 -23.26 9.45
C GLY A 314 7.23 -23.22 9.73
N VAL A 315 7.75 -24.37 10.15
CA VAL A 315 9.17 -24.49 10.48
C VAL A 315 9.75 -25.80 9.95
N LEU A 316 10.60 -25.67 8.93
CA LEU A 316 11.24 -26.82 8.30
C LEU A 316 12.61 -27.03 8.89
N THR A 317 13.08 -28.27 8.85
CA THR A 317 14.40 -28.58 9.38
C THR A 317 15.08 -29.55 8.42
N LEU A 318 16.21 -29.13 7.88
CA LEU A 318 16.88 -29.98 6.93
C LEU A 318 18.10 -30.67 7.50
N THR A 319 18.16 -31.99 7.32
CA THR A 319 19.30 -32.76 7.80
C THR A 319 20.10 -33.05 6.53
N TYR A 320 21.42 -33.18 6.66
CA TYR A 320 22.23 -33.41 5.48
C TYR A 320 23.68 -33.75 5.79
N LYS A 321 24.46 -33.81 4.71
CA LYS A 321 25.89 -34.07 4.79
C LYS A 321 26.60 -33.14 3.81
N THR A 322 27.60 -32.44 4.32
CA THR A 322 28.37 -31.53 3.50
C THR A 322 29.81 -32.01 3.37
N ASN A 323 30.50 -31.45 2.39
CA ASN A 323 31.90 -31.78 2.16
C ASN A 323 32.78 -30.65 2.71
N LYS A 324 32.22 -29.45 2.79
CA LYS A 324 32.96 -28.28 3.29
C LYS A 324 32.01 -27.27 3.95
N ASN A 325 32.29 -26.82 5.17
CA ASN A 325 31.39 -25.85 5.80
C ASN A 325 31.37 -24.60 4.93
N GLY A 326 30.17 -24.09 4.63
CA GLY A 326 30.03 -22.90 3.80
C GLY A 326 28.76 -22.10 3.99
N ASP A 327 28.21 -21.61 2.89
CA ASP A 327 26.99 -20.80 2.90
C ASP A 327 26.16 -21.07 1.63
N CYS A 328 25.05 -21.79 1.78
CA CYS A 328 24.19 -22.12 0.66
C CYS A 328 22.94 -21.28 0.49
N SER A 329 22.30 -21.45 -0.66
CA SER A 329 21.08 -20.73 -0.95
C SER A 329 19.89 -21.66 -0.82
N VAL A 330 18.80 -21.15 -0.25
CA VAL A 330 17.60 -21.94 -0.07
C VAL A 330 16.45 -21.45 -0.93
N HIS A 331 15.74 -22.39 -1.51
CA HIS A 331 14.65 -22.07 -2.40
C HIS A 331 13.51 -23.07 -2.33
N SER A 332 12.37 -22.67 -2.87
CA SER A 332 11.18 -23.53 -2.91
C SER A 332 10.70 -23.63 -4.34
N HIS A 333 10.62 -24.86 -4.83
CA HIS A 333 10.19 -25.05 -6.20
C HIS A 333 8.71 -25.35 -6.35
N SER A 334 7.94 -24.97 -5.34
CA SER A 334 6.49 -25.21 -5.37
C SER A 334 5.76 -23.95 -4.91
N ASN A 335 5.02 -23.34 -5.81
CA ASN A 335 4.29 -22.11 -5.48
C ASN A 335 3.40 -22.25 -4.26
N VAL A 336 3.18 -23.47 -3.81
CA VAL A 336 2.31 -23.67 -2.66
C VAL A 336 2.99 -23.38 -1.32
N ALA A 337 4.28 -23.07 -1.37
CA ALA A 337 5.05 -22.76 -0.17
C ALA A 337 6.16 -21.77 -0.45
N THR A 338 6.36 -20.88 0.49
CA THR A 338 7.38 -19.85 0.36
C THR A 338 8.32 -19.84 1.54
N LEU A 339 9.61 -19.63 1.26
CA LEU A 339 10.65 -19.59 2.27
C LEU A 339 10.95 -18.18 2.74
N GLN A 340 11.08 -17.99 4.04
CA GLN A 340 11.38 -16.66 4.58
C GLN A 340 12.81 -16.27 4.23
N GLU A 341 13.79 -16.95 4.82
CA GLU A 341 15.18 -16.65 4.54
C GLU A 341 15.54 -17.03 3.12
N ALA A 342 16.61 -16.46 2.60
CA ALA A 342 16.97 -16.80 1.24
C ALA A 342 18.35 -17.41 1.20
N THR A 343 18.85 -17.76 2.38
CA THR A 343 20.15 -18.35 2.49
C THR A 343 20.32 -18.96 3.86
N ALA A 344 21.28 -19.87 3.97
CA ALA A 344 21.56 -20.53 5.23
C ALA A 344 22.97 -21.06 5.28
N LYS A 345 23.62 -20.93 6.42
CA LYS A 345 24.97 -21.41 6.53
C LYS A 345 25.01 -22.93 6.69
N VAL A 346 25.88 -23.56 5.93
CA VAL A 346 25.99 -25.00 5.99
C VAL A 346 27.19 -25.48 6.80
N LYS A 347 26.89 -25.96 7.99
CA LYS A 347 27.88 -26.48 8.93
C LYS A 347 27.95 -28.01 8.77
N THR A 348 29.09 -28.58 9.12
CA THR A 348 29.30 -30.02 9.02
C THR A 348 28.46 -30.80 10.04
N ALA A 349 27.84 -30.05 10.97
CA ALA A 349 26.97 -30.62 11.97
C ALA A 349 25.81 -31.32 11.26
N GLY A 350 25.22 -30.64 10.26
CA GLY A 350 24.13 -31.21 9.48
C GLY A 350 22.71 -30.75 9.83
N LYS A 351 22.60 -29.60 10.51
CA LYS A 351 21.30 -29.05 10.94
C LYS A 351 20.99 -27.64 10.43
N VAL A 352 19.90 -27.50 9.68
CA VAL A 352 19.48 -26.21 9.13
C VAL A 352 18.01 -26.00 9.35
N THR A 353 17.67 -24.88 9.97
CA THR A 353 16.29 -24.55 10.26
C THR A 353 15.80 -23.40 9.37
N LEU A 354 14.63 -23.57 8.76
CA LEU A 354 14.05 -22.54 7.91
C LEU A 354 12.59 -22.34 8.23
N HIS A 355 12.10 -21.12 8.01
CA HIS A 355 10.70 -20.83 8.23
C HIS A 355 10.03 -20.75 6.88
N PHE A 356 8.91 -21.45 6.72
CA PHE A 356 8.22 -21.40 5.45
C PHE A 356 6.80 -20.91 5.67
N SER A 357 6.11 -20.62 4.58
CA SER A 357 4.74 -20.13 4.67
C SER A 357 3.84 -20.67 3.57
N THR A 358 2.63 -21.02 3.94
CA THR A 358 1.70 -21.53 2.95
C THR A 358 0.32 -21.32 3.46
N ALA A 359 -0.64 -21.38 2.56
CA ALA A 359 -2.00 -21.16 2.97
C ALA A 359 -2.81 -22.42 2.77
N SER A 360 -2.11 -23.52 2.57
CA SER A 360 -2.78 -24.78 2.33
C SER A 360 -2.51 -25.81 3.39
N ALA A 361 -3.51 -26.12 4.21
CA ALA A 361 -3.33 -27.14 5.24
C ALA A 361 -2.94 -28.41 4.51
N SER A 362 -1.90 -29.11 4.96
CA SER A 362 -1.49 -30.35 4.27
C SER A 362 -0.89 -30.10 2.85
N PRO A 363 0.18 -29.30 2.77
CA PRO A 363 0.91 -28.94 1.55
C PRO A 363 2.08 -29.87 1.28
N SER A 364 2.50 -29.96 0.04
CA SER A 364 3.64 -30.82 -0.28
C SER A 364 4.61 -30.13 -1.23
N PHE A 365 5.58 -29.42 -0.65
CA PHE A 365 6.56 -28.67 -1.43
C PHE A 365 7.94 -29.29 -1.41
N VAL A 366 8.80 -28.75 -2.26
CA VAL A 366 10.17 -29.22 -2.37
C VAL A 366 11.16 -28.09 -2.12
N VAL A 367 11.84 -28.15 -0.97
CA VAL A 367 12.83 -27.14 -0.61
C VAL A 367 14.15 -27.50 -1.25
N SER A 368 15.07 -26.55 -1.29
CA SER A 368 16.37 -26.81 -1.88
C SER A 368 17.50 -26.20 -1.09
N LEU A 369 18.63 -26.90 -1.08
CA LEU A 369 19.80 -26.45 -0.37
C LEU A 369 20.95 -26.52 -1.36
N CYS A 370 21.22 -25.38 -1.97
CA CYS A 370 22.25 -25.30 -2.98
C CYS A 370 21.75 -26.09 -4.17
N SER A 371 22.44 -27.17 -4.51
CA SER A 371 22.03 -27.97 -5.66
C SER A 371 21.24 -29.22 -5.29
N ALA A 372 21.00 -29.42 -3.99
CA ALA A 372 20.28 -30.59 -3.54
C ALA A 372 18.81 -30.32 -3.28
N ARG A 373 17.94 -31.28 -3.61
CA ARG A 373 16.51 -31.09 -3.38
C ARG A 373 15.95 -32.12 -2.40
N ALA A 374 14.81 -31.80 -1.83
CA ALA A 374 14.16 -32.71 -0.89
C ALA A 374 12.69 -32.31 -0.74
N THR A 375 11.84 -33.32 -0.52
CA THR A 375 10.41 -33.07 -0.36
C THR A 375 10.01 -32.83 1.08
N CYS A 376 8.98 -32.03 1.27
CA CYS A 376 8.48 -31.74 2.60
C CYS A 376 7.00 -31.97 2.61
N SER A 377 6.56 -32.75 3.58
CA SER A 377 5.15 -33.05 3.70
C SER A 377 4.73 -32.76 5.12
N ALA A 378 3.68 -31.97 5.29
CA ALA A 378 3.23 -31.63 6.63
C ALA A 378 1.75 -31.28 6.67
N SER A 379 1.18 -31.32 7.88
CA SER A 379 -0.23 -30.96 8.06
C SER A 379 -0.28 -29.80 9.05
N CYS A 380 -0.86 -28.67 8.60
CA CYS A 380 -0.95 -27.45 9.41
C CYS A 380 -2.30 -27.17 10.06
N GLU A 381 -2.28 -26.47 11.19
CA GLU A 381 -3.52 -26.12 11.89
C GLU A 381 -3.90 -24.68 11.52
N PRO A 382 -5.21 -24.37 11.42
CA PRO A 382 -5.69 -23.04 11.08
C PRO A 382 -5.20 -22.02 12.11
N PRO A 383 -5.20 -20.73 11.75
CA PRO A 383 -4.76 -19.62 12.60
C PRO A 383 -5.52 -19.47 13.89
N LYS A 384 -4.83 -18.97 14.90
CA LYS A 384 -5.43 -18.77 16.21
C LYS A 384 -6.72 -17.93 16.14
N ASP A 385 -7.58 -18.09 17.14
CA ASP A 385 -8.82 -17.33 17.22
C ASP A 385 -8.45 -15.90 17.62
N HIS A 386 -9.24 -14.95 17.14
CA HIS A 386 -9.00 -13.55 17.45
C HIS A 386 -9.40 -13.30 18.89
N ILE A 387 -9.22 -12.07 19.35
CA ILE A 387 -9.60 -11.72 20.72
C ILE A 387 -10.80 -10.78 20.66
N VAL A 388 -12.00 -11.36 20.61
CA VAL A 388 -13.24 -10.59 20.57
C VAL A 388 -13.18 -9.47 21.55
N PRO A 389 -13.53 -8.26 21.10
CA PRO A 389 -13.54 -7.04 21.90
C PRO A 389 -14.81 -6.92 22.74
N TYR A 390 -14.99 -5.76 23.35
CA TYR A 390 -16.16 -5.54 24.18
C TYR A 390 -17.46 -5.88 23.42
N ALA A 391 -17.98 -7.09 23.69
CA ALA A 391 -19.22 -7.56 23.07
C ALA A 391 -20.51 -6.92 23.69
N TYR B 1 30.20 -8.72 -32.36
CA TYR B 1 30.64 -8.11 -31.06
C TYR B 1 29.47 -7.48 -30.35
N GLU B 2 29.42 -7.70 -29.05
CA GLU B 2 28.37 -7.18 -28.20
C GLU B 2 28.98 -6.84 -26.88
N HIS B 3 28.99 -5.57 -26.54
CA HIS B 3 29.52 -5.10 -25.26
C HIS B 3 28.31 -4.63 -24.45
N SER B 4 28.22 -5.08 -23.20
CA SER B 4 27.10 -4.72 -22.37
C SER B 4 27.51 -3.75 -21.26
N THR B 5 26.59 -2.88 -20.86
CA THR B 5 26.88 -1.90 -19.84
C THR B 5 25.61 -1.55 -19.14
N VAL B 6 25.68 -0.51 -18.31
CA VAL B 6 24.51 -0.08 -17.59
C VAL B 6 24.75 1.32 -17.05
N MET B 7 23.81 2.20 -17.31
CA MET B 7 23.92 3.57 -16.87
C MET B 7 22.88 3.82 -15.80
N PRO B 8 23.11 4.81 -14.95
CA PRO B 8 22.19 5.17 -13.87
C PRO B 8 20.93 5.80 -14.40
N ASN B 9 19.84 5.56 -13.70
CA ASN B 9 18.55 6.09 -14.06
C ASN B 9 18.30 7.43 -13.41
N VAL B 10 19.25 8.35 -13.53
CA VAL B 10 19.11 9.65 -12.93
C VAL B 10 19.27 10.71 -13.99
N VAL B 11 18.30 11.61 -14.05
CA VAL B 11 18.33 12.67 -15.02
C VAL B 11 19.40 13.65 -14.68
N GLY B 12 20.42 13.71 -15.50
CA GLY B 12 21.52 14.63 -15.26
C GLY B 12 22.86 13.92 -15.33
N PHE B 13 23.26 13.25 -14.25
CA PHE B 13 24.52 12.50 -14.21
C PHE B 13 24.57 11.68 -15.50
N PRO B 14 25.54 11.99 -16.40
CA PRO B 14 25.69 11.28 -17.66
C PRO B 14 26.58 10.05 -17.64
N TYR B 15 26.67 9.40 -18.80
CA TYR B 15 27.50 8.23 -19.00
C TYR B 15 28.42 8.70 -20.10
N LYS B 16 29.73 8.57 -19.93
CA LYS B 16 30.64 9.04 -20.96
C LYS B 16 31.73 8.02 -21.24
N ALA B 17 31.70 7.41 -22.41
CA ALA B 17 32.71 6.43 -22.77
C ALA B 17 33.59 6.96 -23.88
N HIS B 18 34.81 6.46 -23.97
CA HIS B 18 35.74 6.91 -24.97
C HIS B 18 36.03 5.74 -25.89
N ILE B 19 35.18 5.56 -26.89
CA ILE B 19 35.34 4.43 -27.81
C ILE B 19 36.47 4.60 -28.80
N GLU B 20 37.60 3.97 -28.49
CA GLU B 20 38.80 4.03 -29.34
C GLU B 20 38.93 2.81 -30.27
N ARG B 21 38.04 2.76 -31.27
CA ARG B 21 38.04 1.69 -32.26
C ARG B 21 39.23 1.77 -33.23
N PRO B 22 40.15 0.80 -33.16
CA PRO B 22 41.35 0.76 -34.03
C PRO B 22 40.99 0.87 -35.53
N GLY B 23 41.14 2.09 -36.02
CA GLY B 23 40.87 2.39 -37.42
C GLY B 23 41.40 3.79 -37.59
N TYR B 24 40.81 4.72 -36.85
CA TYR B 24 41.26 6.09 -36.92
C TYR B 24 40.75 6.99 -35.81
N SER B 25 40.14 8.10 -36.21
CA SER B 25 39.57 9.10 -35.31
C SER B 25 38.70 8.44 -34.21
N PRO B 26 39.05 8.66 -32.91
CA PRO B 26 38.38 8.12 -31.71
C PRO B 26 37.01 8.79 -31.44
N LEU B 27 36.00 7.95 -31.18
CA LEU B 27 34.65 8.41 -30.91
C LEU B 27 34.41 8.63 -29.45
N THR B 28 33.58 9.61 -29.14
CA THR B 28 33.25 9.94 -27.77
C THR B 28 31.76 9.77 -27.55
N LEU B 29 31.37 8.57 -27.11
CA LEU B 29 29.97 8.26 -26.85
C LEU B 29 29.51 8.86 -25.53
N GLN B 30 28.29 9.34 -25.49
CA GLN B 30 27.79 9.94 -24.28
C GLN B 30 26.27 9.93 -24.29
N MET B 31 25.69 9.13 -23.40
CA MET B 31 24.23 9.02 -23.30
C MET B 31 23.79 9.29 -21.90
N GLN B 32 22.76 10.10 -21.75
CA GLN B 32 22.25 10.40 -20.43
C GLN B 32 20.74 10.52 -20.47
N VAL B 33 20.10 10.24 -19.34
CA VAL B 33 18.66 10.32 -19.25
C VAL B 33 18.25 11.75 -19.16
N VAL B 34 17.12 12.09 -19.74
CA VAL B 34 16.66 13.47 -19.68
C VAL B 34 15.26 13.63 -19.10
N GLU B 35 14.56 12.51 -18.91
CA GLU B 35 13.19 12.55 -18.41
C GLU B 35 12.76 11.18 -17.93
N THR B 36 11.70 11.14 -17.15
CA THR B 36 11.23 9.86 -16.66
C THR B 36 9.78 10.02 -16.31
N SER B 37 8.94 9.21 -16.92
CA SER B 37 7.51 9.32 -16.70
C SER B 37 6.88 8.02 -16.21
N LEU B 38 6.35 8.06 -14.99
CA LEU B 38 5.70 6.91 -14.40
C LEU B 38 4.24 7.24 -14.20
N GLU B 39 3.37 6.77 -15.08
CA GLU B 39 1.97 7.07 -14.93
C GLU B 39 1.20 5.91 -14.32
N PRO B 40 0.35 6.18 -13.34
CA PRO B 40 -0.43 5.12 -12.72
C PRO B 40 -1.77 4.94 -13.40
N THR B 41 -2.52 3.92 -13.02
CA THR B 41 -3.83 3.68 -13.61
C THR B 41 -4.89 4.09 -12.63
N LEU B 42 -5.23 5.37 -12.62
CA LEU B 42 -6.24 5.84 -11.71
C LEU B 42 -7.59 5.18 -11.95
N ASN B 43 -8.21 4.68 -10.90
CA ASN B 43 -9.53 4.08 -11.02
C ASN B 43 -10.44 4.87 -10.07
N LEU B 44 -11.00 5.96 -10.59
CA LEU B 44 -11.85 6.83 -9.81
C LEU B 44 -12.79 6.07 -8.90
N GLU B 45 -12.66 6.27 -7.60
CA GLU B 45 -13.55 5.59 -6.68
C GLU B 45 -14.74 6.50 -6.40
N TYR B 46 -14.49 7.75 -6.04
CA TYR B 46 -15.58 8.68 -5.81
C TYR B 46 -15.05 10.06 -5.58
N ILE B 47 -15.94 11.06 -5.63
CA ILE B 47 -15.50 12.42 -5.37
C ILE B 47 -16.36 13.06 -4.27
N THR B 48 -15.78 14.01 -3.56
CA THR B 48 -16.50 14.65 -2.50
C THR B 48 -16.29 16.15 -2.64
N CYS B 49 -17.19 16.91 -1.98
CA CYS B 49 -17.19 18.38 -2.01
C CYS B 49 -18.16 18.97 -1.00
N GLU B 50 -18.16 20.29 -0.86
CA GLU B 50 -19.07 20.93 0.10
C GLU B 50 -20.50 20.46 -0.15
N TYR B 51 -21.21 20.14 0.92
CA TYR B 51 -22.58 19.69 0.74
C TYR B 51 -23.53 20.86 0.88
N LYS B 52 -24.79 20.60 0.53
CA LYS B 52 -25.87 21.58 0.61
C LYS B 52 -27.08 20.92 1.26
N THR B 53 -27.57 21.51 2.33
CA THR B 53 -28.72 20.95 3.04
C THR B 53 -30.00 21.33 2.33
N VAL B 54 -31.00 20.47 2.42
CA VAL B 54 -32.24 20.78 1.74
C VAL B 54 -33.44 20.37 2.54
N VAL B 55 -34.22 21.36 2.96
CA VAL B 55 -35.42 21.06 3.71
C VAL B 55 -36.59 21.73 3.01
N PRO B 56 -37.56 20.93 2.52
CA PRO B 56 -38.70 21.54 1.85
C PRO B 56 -39.66 22.23 2.83
N SER B 57 -40.75 22.76 2.29
CA SER B 57 -41.74 23.42 3.12
C SER B 57 -42.39 22.35 4.02
N PRO B 58 -42.64 22.70 5.27
CA PRO B 58 -43.25 21.77 6.25
C PRO B 58 -44.75 21.55 6.05
N TYR B 59 -45.22 20.38 6.51
CA TYR B 59 -46.64 20.01 6.41
C TYR B 59 -47.42 20.24 7.72
N VAL B 60 -48.09 21.42 7.78
CA VAL B 60 -48.91 21.83 8.94
C VAL B 60 -50.16 20.92 8.94
N LYS B 61 -50.30 20.13 9.99
CA LYS B 61 -51.43 19.20 10.04
C LYS B 61 -52.22 19.33 11.33
N CYS B 62 -53.44 18.80 11.34
CA CYS B 62 -54.28 18.81 12.53
C CYS B 62 -54.11 17.55 13.38
N CYS B 63 -55.12 17.21 14.18
CA CYS B 63 -55.03 15.99 15.01
C CYS B 63 -55.22 14.75 14.12
N GLY B 64 -55.54 15.04 12.85
CA GLY B 64 -55.73 14.01 11.82
C GLY B 64 -54.36 13.54 11.34
N ALA B 65 -53.45 13.52 12.32
CA ALA B 65 -52.04 13.13 12.19
C ALA B 65 -51.70 12.17 11.07
N SER B 66 -50.58 12.49 10.40
CA SER B 66 -50.12 11.68 9.31
C SER B 66 -48.83 11.00 9.75
N GLU B 67 -48.39 10.01 8.97
CA GLU B 67 -47.16 9.28 9.21
C GLU B 67 -46.33 9.21 7.92
N CYS B 68 -45.08 9.69 8.05
CA CYS B 68 -44.15 9.73 6.93
C CYS B 68 -43.45 8.41 6.73
N SER B 69 -43.49 7.98 5.48
CA SER B 69 -42.85 6.75 5.06
C SER B 69 -41.33 6.95 5.03
N THR B 70 -40.74 6.65 3.88
CA THR B 70 -39.30 6.78 3.65
C THR B 70 -39.01 6.73 2.16
N LYS B 71 -38.48 7.84 1.68
CA LYS B 71 -38.15 7.99 0.27
C LYS B 71 -36.66 7.66 0.05
N GLU B 72 -36.18 7.85 -1.18
CA GLU B 72 -34.80 7.58 -1.49
C GLU B 72 -34.02 8.87 -1.67
N LYS B 73 -33.62 9.46 -0.56
CA LYS B 73 -32.87 10.70 -0.64
C LYS B 73 -31.63 10.66 0.27
N PRO B 74 -30.51 11.22 -0.20
CA PRO B 74 -29.28 11.23 0.58
C PRO B 74 -29.48 11.59 2.05
N ASP B 75 -29.19 10.64 2.94
CA ASP B 75 -29.33 10.91 4.38
C ASP B 75 -30.74 11.38 4.72
N TYR B 76 -31.68 11.08 3.82
CA TYR B 76 -33.07 11.48 4.02
C TYR B 76 -33.63 11.17 5.41
N GLN B 77 -34.34 12.16 5.94
CA GLN B 77 -34.98 12.05 7.26
C GLN B 77 -36.44 12.58 7.20
N CYS B 78 -37.19 12.27 8.26
CA CYS B 78 -38.57 12.74 8.42
C CYS B 78 -39.09 12.25 9.76
N LYS B 79 -39.81 13.13 10.46
CA LYS B 79 -40.37 12.80 11.79
C LYS B 79 -41.71 13.49 12.02
N VAL B 80 -42.71 12.70 12.40
CA VAL B 80 -44.06 13.21 12.68
C VAL B 80 -44.11 13.74 14.13
N TYR B 81 -44.18 15.06 14.27
CA TYR B 81 -44.23 15.65 15.59
C TYR B 81 -45.64 15.82 16.22
N THR B 82 -45.90 15.00 17.25
CA THR B 82 -47.20 14.99 17.96
C THR B 82 -47.30 16.04 19.07
N GLY B 83 -48.28 16.94 18.94
CA GLY B 83 -48.47 17.99 19.94
C GLY B 83 -47.33 18.98 19.93
N VAL B 84 -46.84 19.19 18.70
CA VAL B 84 -45.75 20.13 18.41
C VAL B 84 -46.49 21.13 17.51
N TYR B 85 -47.77 20.80 17.32
CA TYR B 85 -48.70 21.65 16.58
C TYR B 85 -48.35 23.05 17.10
N PRO B 86 -47.53 23.84 16.35
CA PRO B 86 -47.16 25.21 16.81
C PRO B 86 -48.31 25.89 17.66
N PHE B 87 -49.57 25.70 17.20
CA PHE B 87 -50.80 26.18 17.86
C PHE B 87 -50.97 27.70 17.82
N MET B 88 -52.10 28.13 17.26
CA MET B 88 -52.47 29.54 17.13
C MET B 88 -51.68 30.33 16.07
N TRP B 89 -52.33 31.38 15.56
CA TRP B 89 -51.78 32.24 14.51
C TRP B 89 -52.85 33.24 13.94
N GLY B 90 -54.10 32.75 13.84
CA GLY B 90 -55.22 33.52 13.33
C GLY B 90 -56.56 32.81 13.56
N GLY B 91 -57.09 32.15 12.51
CA GLY B 91 -58.36 31.44 12.62
C GLY B 91 -58.28 30.24 13.55
N ALA B 92 -58.97 29.16 13.18
CA ALA B 92 -58.97 27.93 14.00
C ALA B 92 -58.13 26.76 13.41
N TYR B 93 -57.03 26.43 14.10
CA TYR B 93 -56.17 25.32 13.69
C TYR B 93 -56.12 24.20 14.72
N CYS B 94 -57.00 23.23 14.47
CA CYS B 94 -57.15 22.01 15.27
C CYS B 94 -57.76 22.28 16.66
N PHE B 95 -59.09 22.22 16.70
CA PHE B 95 -59.84 22.46 17.95
C PHE B 95 -59.78 21.25 18.91
N CYS B 96 -59.31 20.11 18.39
CA CYS B 96 -59.15 18.91 19.21
C CYS B 96 -58.24 19.29 20.41
N ASP B 97 -58.88 19.28 21.59
CA ASP B 97 -58.27 19.61 22.90
C ASP B 97 -57.23 18.56 23.34
N SER B 98 -56.52 18.08 22.33
CA SER B 98 -55.50 17.06 22.49
C SER B 98 -54.24 17.50 21.77
N GLU B 99 -54.06 16.99 20.55
CA GLU B 99 -52.88 17.32 19.77
C GLU B 99 -52.98 17.03 18.24
N ASN B 100 -52.30 17.87 17.46
CA ASN B 100 -52.29 17.76 16.00
C ASN B 100 -51.10 16.90 15.53
N THR B 101 -50.19 17.51 14.75
CA THR B 101 -49.03 16.80 14.17
C THR B 101 -48.26 17.62 13.10
N GLN B 102 -46.91 17.51 13.15
CA GLN B 102 -45.97 18.18 12.23
C GLN B 102 -45.10 17.15 11.49
N LEU B 103 -45.16 17.21 10.17
CA LEU B 103 -44.42 16.31 9.29
C LEU B 103 -43.20 17.07 8.76
N SER B 104 -42.11 17.00 9.51
CA SER B 104 -40.87 17.66 9.13
C SER B 104 -39.98 16.66 8.43
N GLU B 105 -39.24 17.15 7.43
CA GLU B 105 -38.31 16.32 6.64
C GLU B 105 -37.22 17.15 5.94
N ALA B 106 -36.07 16.51 5.73
CA ALA B 106 -34.91 17.13 5.06
C ALA B 106 -33.83 16.11 4.63
N TYR B 107 -33.22 16.36 3.48
CA TYR B 107 -32.20 15.49 2.94
C TYR B 107 -30.97 16.27 2.49
N VAL B 108 -30.06 15.62 1.76
CA VAL B 108 -28.84 16.28 1.29
C VAL B 108 -28.51 16.09 -0.18
N ASP B 109 -27.79 17.06 -0.73
CA ASP B 109 -27.36 17.01 -2.11
C ASP B 109 -26.11 17.85 -2.18
N ARG B 110 -25.18 17.45 -3.02
CA ARG B 110 -23.92 18.17 -3.15
C ARG B 110 -24.05 19.61 -3.60
N SER B 111 -23.35 20.50 -2.90
CA SER B 111 -23.40 21.91 -3.21
C SER B 111 -23.28 22.25 -4.69
N ASP B 112 -23.89 23.36 -5.06
CA ASP B 112 -23.89 23.82 -6.45
C ASP B 112 -22.48 24.24 -6.88
N VAL B 113 -21.50 24.06 -6.01
CA VAL B 113 -20.15 24.47 -6.37
C VAL B 113 -19.21 23.30 -6.63
N CYS B 114 -19.71 22.08 -6.45
CA CYS B 114 -18.87 20.89 -6.67
C CYS B 114 -18.25 20.95 -8.04
N ARG B 115 -19.07 21.21 -9.05
CA ARG B 115 -18.57 21.24 -10.41
C ARG B 115 -17.17 21.84 -10.53
N HIS B 116 -16.97 23.04 -10.01
CA HIS B 116 -15.67 23.68 -10.14
C HIS B 116 -14.87 23.77 -8.84
N ASP B 117 -14.99 22.76 -7.99
CA ASP B 117 -14.28 22.73 -6.70
C ASP B 117 -14.60 21.46 -5.92
N HIS B 118 -13.92 20.39 -6.29
CA HIS B 118 -14.12 19.11 -5.66
C HIS B 118 -12.82 18.34 -5.74
N ALA B 119 -12.64 17.42 -4.82
CA ALA B 119 -11.45 16.61 -4.80
C ALA B 119 -11.82 15.26 -5.36
N SER B 120 -10.83 14.49 -5.76
CA SER B 120 -11.10 13.16 -6.31
C SER B 120 -10.27 12.10 -5.60
N ALA B 121 -10.90 10.94 -5.40
CA ALA B 121 -10.25 9.85 -4.72
C ALA B 121 -10.09 8.70 -5.70
N TYR B 122 -8.89 8.54 -6.25
CA TYR B 122 -8.65 7.46 -7.20
C TYR B 122 -7.92 6.30 -6.53
N LYS B 123 -7.94 5.16 -7.20
CA LYS B 123 -7.28 3.99 -6.68
C LYS B 123 -6.27 3.78 -7.79
N ALA B 124 -5.00 4.11 -7.53
CA ALA B 124 -3.97 4.00 -8.55
C ALA B 124 -2.90 2.92 -8.38
N HIS B 125 -2.46 2.37 -9.50
CA HIS B 125 -1.41 1.34 -9.51
C HIS B 125 -0.50 1.63 -10.67
N THR B 126 0.79 1.55 -10.46
CA THR B 126 1.70 1.81 -11.56
C THR B 126 1.33 1.08 -12.87
N ALA B 127 1.10 1.85 -13.95
CA ALA B 127 0.72 1.32 -15.27
C ALA B 127 1.87 1.17 -16.25
N SER B 128 2.76 2.14 -16.25
CA SER B 128 3.97 2.08 -17.08
C SER B 128 4.93 3.21 -16.80
N LEU B 129 6.19 2.91 -17.00
CA LEU B 129 7.27 3.83 -16.75
C LEU B 129 8.19 3.78 -17.94
N LYS B 130 8.41 4.94 -18.56
CA LYS B 130 9.29 5.05 -19.72
C LYS B 130 10.21 6.22 -19.47
N ALA B 131 11.37 6.18 -20.13
CA ALA B 131 12.36 7.25 -19.99
C ALA B 131 12.92 7.67 -21.33
N LYS B 132 13.36 8.92 -21.40
CA LYS B 132 13.95 9.45 -22.62
C LYS B 132 15.43 9.58 -22.44
N VAL B 133 16.18 8.88 -23.28
CA VAL B 133 17.63 8.90 -23.21
C VAL B 133 18.24 9.56 -24.43
N ARG B 134 19.05 10.57 -24.22
CA ARG B 134 19.67 11.27 -25.34
C ARG B 134 21.08 10.74 -25.53
N VAL B 135 21.31 10.02 -26.61
CA VAL B 135 22.62 9.49 -26.85
C VAL B 135 23.36 10.33 -27.87
N MET B 136 24.58 10.75 -27.53
CA MET B 136 25.39 11.57 -28.42
C MET B 136 26.59 10.77 -28.88
N TYR B 137 26.42 10.04 -29.97
CA TYR B 137 27.46 9.20 -30.52
C TYR B 137 28.26 10.00 -31.50
N GLY B 138 29.50 10.26 -31.15
CA GLY B 138 30.35 11.02 -32.04
C GLY B 138 29.72 12.32 -32.47
N ASN B 139 29.41 12.42 -33.75
CA ASN B 139 28.80 13.64 -34.30
C ASN B 139 27.32 13.47 -34.60
N VAL B 140 26.67 12.64 -33.80
CA VAL B 140 25.26 12.36 -33.96
C VAL B 140 24.54 12.35 -32.64
N ASN B 141 23.35 12.95 -32.63
CA ASN B 141 22.54 13.06 -31.44
C ASN B 141 21.16 12.51 -31.69
N GLN B 142 20.76 11.51 -30.92
CA GLN B 142 19.46 10.90 -31.10
C GLN B 142 18.82 10.57 -29.77
N THR B 143 17.50 10.66 -29.69
CA THR B 143 16.81 10.37 -28.45
C THR B 143 16.01 9.09 -28.55
N VAL B 144 16.26 8.18 -27.63
CA VAL B 144 15.58 6.92 -27.65
C VAL B 144 14.67 6.74 -26.46
N ASP B 145 13.59 6.00 -26.67
CA ASP B 145 12.65 5.73 -25.58
C ASP B 145 12.97 4.39 -24.95
N VAL B 146 12.96 4.33 -23.62
CA VAL B 146 13.23 3.08 -22.94
C VAL B 146 12.13 2.77 -21.95
N TYR B 147 11.71 1.52 -21.87
CA TYR B 147 10.64 1.14 -20.92
C TYR B 147 11.03 0.05 -19.90
N VAL B 148 10.02 -0.48 -19.21
CA VAL B 148 10.24 -1.53 -18.24
C VAL B 148 9.55 -2.75 -18.81
N ASN B 149 8.46 -2.47 -19.50
CA ASN B 149 7.64 -3.49 -20.11
C ASN B 149 8.23 -3.84 -21.44
N GLY B 150 9.49 -4.23 -21.42
CA GLY B 150 10.16 -4.61 -22.66
C GLY B 150 11.42 -3.80 -22.98
N ASP B 151 12.26 -4.35 -23.86
CA ASP B 151 13.48 -3.68 -24.25
C ASP B 151 13.18 -2.85 -25.48
N HIS B 152 14.24 -2.42 -26.16
CA HIS B 152 14.08 -1.61 -27.35
C HIS B 152 15.40 -1.55 -28.07
N ALA B 153 15.37 -1.99 -29.32
CA ALA B 153 16.54 -2.02 -30.16
C ALA B 153 16.49 -0.90 -31.16
N VAL B 154 17.60 -0.19 -31.30
CA VAL B 154 17.63 0.91 -32.24
C VAL B 154 19.02 1.03 -32.87
N THR B 155 19.05 1.52 -34.10
CA THR B 155 20.33 1.66 -34.77
C THR B 155 20.69 3.13 -34.88
N ILE B 156 21.81 3.51 -34.27
CA ILE B 156 22.24 4.88 -34.30
C ILE B 156 23.72 5.05 -34.62
N GLY B 157 24.01 5.80 -35.68
CA GLY B 157 25.39 6.02 -36.08
C GLY B 157 25.98 4.81 -36.77
N GLY B 158 25.11 3.95 -37.30
CA GLY B 158 25.56 2.76 -37.98
C GLY B 158 25.94 1.70 -36.96
N THR B 159 25.60 1.96 -35.72
CA THR B 159 25.90 1.01 -34.67
C THR B 159 24.58 0.56 -34.08
N GLN B 160 24.49 -0.71 -33.70
CA GLN B 160 23.26 -1.22 -33.12
C GLN B 160 23.24 -1.08 -31.60
N PHE B 161 22.15 -0.50 -31.08
CA PHE B 161 21.99 -0.30 -29.64
C PHE B 161 20.74 -1.02 -29.14
N ILE B 162 20.82 -1.56 -27.93
CA ILE B 162 19.67 -2.22 -27.38
C ILE B 162 19.56 -1.77 -25.94
N PHE B 163 18.55 -0.96 -25.63
CA PHE B 163 18.38 -0.48 -24.26
C PHE B 163 17.45 -1.40 -23.47
N GLY B 164 18.04 -2.43 -22.85
CA GLY B 164 17.29 -3.40 -22.09
C GLY B 164 16.30 -2.73 -21.19
N PRO B 165 15.32 -3.46 -20.63
CA PRO B 165 14.27 -2.96 -19.74
C PRO B 165 14.82 -2.31 -18.51
N LEU B 166 14.19 -1.22 -18.10
CA LEU B 166 14.63 -0.51 -16.91
C LEU B 166 14.64 -1.48 -15.72
N SER B 167 15.69 -1.45 -14.92
CA SER B 167 15.79 -2.35 -13.77
C SER B 167 14.50 -2.49 -12.97
N SER B 168 13.95 -1.37 -12.51
CA SER B 168 12.71 -1.42 -11.74
C SER B 168 11.81 -0.23 -12.02
N ALA B 169 10.65 -0.23 -11.38
CA ALA B 169 9.71 0.85 -11.57
C ALA B 169 9.13 1.27 -10.24
N TRP B 170 9.86 2.16 -9.57
CA TRP B 170 9.47 2.70 -8.27
C TRP B 170 8.43 3.79 -8.44
N THR B 171 7.46 3.80 -7.54
CA THR B 171 6.41 4.78 -7.58
C THR B 171 6.21 5.43 -6.22
N PRO B 172 6.06 6.75 -6.21
CA PRO B 172 5.85 7.52 -4.98
C PRO B 172 4.37 7.60 -4.64
N PHE B 173 3.55 7.02 -5.51
CA PHE B 173 2.10 7.01 -5.31
C PHE B 173 1.63 5.75 -4.58
N ASP B 174 0.79 5.92 -3.57
CA ASP B 174 0.27 4.77 -2.86
C ASP B 174 -0.82 4.14 -3.67
N ASN B 175 -1.52 3.15 -3.13
CA ASN B 175 -2.57 2.52 -3.90
C ASN B 175 -3.87 3.26 -3.76
N LYS B 176 -3.88 4.30 -2.93
CA LYS B 176 -5.07 5.10 -2.76
C LYS B 176 -4.62 6.52 -2.62
N ILE B 177 -4.97 7.35 -3.60
CA ILE B 177 -4.61 8.76 -3.58
C ILE B 177 -5.82 9.65 -3.75
N VAL B 178 -5.61 10.95 -3.59
CA VAL B 178 -6.67 11.94 -3.73
C VAL B 178 -6.11 13.15 -4.47
N VAL B 179 -6.72 13.45 -5.61
CA VAL B 179 -6.31 14.58 -6.41
C VAL B 179 -7.28 15.71 -6.24
N TYR B 180 -6.76 16.85 -5.80
CA TYR B 180 -7.59 18.01 -5.60
C TYR B 180 -7.51 18.97 -6.76
N LYS B 181 -6.58 19.90 -6.72
CA LYS B 181 -6.52 20.80 -7.85
C LYS B 181 -5.33 20.43 -8.68
N ASP B 182 -4.20 20.96 -8.26
CA ASP B 182 -2.94 20.73 -8.91
C ASP B 182 -2.13 19.93 -7.90
N GLU B 183 -2.78 19.59 -6.79
CA GLU B 183 -2.16 18.85 -5.69
C GLU B 183 -2.53 17.36 -5.72
N VAL B 184 -1.66 16.52 -5.15
CA VAL B 184 -1.94 15.10 -5.07
C VAL B 184 -1.59 14.65 -3.67
N PHE B 185 -2.45 13.84 -3.08
CA PHE B 185 -2.22 13.38 -1.73
C PHE B 185 -2.28 11.88 -1.62
N ASN B 186 -1.54 11.34 -0.66
CA ASN B 186 -1.57 9.93 -0.45
C ASN B 186 -2.50 9.71 0.75
N GLN B 187 -3.81 9.64 0.56
CA GLN B 187 -4.71 9.43 1.71
C GLN B 187 -5.50 8.11 1.67
N ASP B 188 -5.57 7.40 2.82
CA ASP B 188 -6.34 6.11 2.92
C ASP B 188 -7.82 6.56 3.07
N PHE B 189 -8.27 7.43 2.15
CA PHE B 189 -9.64 7.95 2.14
C PHE B 189 -10.69 6.92 2.40
N PRO B 190 -11.66 7.21 3.26
CA PRO B 190 -12.68 6.20 3.54
C PRO B 190 -13.30 5.68 2.26
N PRO B 191 -13.71 4.40 2.25
CA PRO B 191 -14.32 3.77 1.09
C PRO B 191 -15.55 4.51 0.61
N TYR B 192 -16.22 3.97 -0.41
CA TYR B 192 -17.38 4.65 -0.94
C TYR B 192 -18.47 4.89 0.10
N GLY B 193 -19.38 3.94 0.25
CA GLY B 193 -20.45 4.14 1.22
C GLY B 193 -19.96 4.00 2.65
N SER B 194 -19.02 4.84 3.06
CA SER B 194 -18.54 4.67 4.39
C SER B 194 -18.08 5.97 4.98
N GLY B 195 -18.48 7.05 4.31
CA GLY B 195 -18.12 8.37 4.77
C GLY B 195 -18.65 8.68 6.15
N GLN B 196 -17.94 9.57 6.85
CA GLN B 196 -18.31 9.98 8.19
C GLN B 196 -18.54 11.49 8.24
N PRO B 197 -19.46 11.94 9.09
CA PRO B 197 -19.73 13.38 9.19
C PRO B 197 -18.53 14.20 9.65
N GLY B 198 -18.47 15.45 9.18
CA GLY B 198 -17.38 16.35 9.53
C GLY B 198 -15.99 15.83 9.21
N ARG B 199 -15.90 14.95 8.22
CA ARG B 199 -14.63 14.39 7.86
C ARG B 199 -14.62 14.23 6.37
N PHE B 200 -13.43 14.14 5.77
CA PHE B 200 -13.34 13.97 4.33
C PHE B 200 -14.26 12.85 3.92
N GLY B 201 -14.98 13.07 2.83
CA GLY B 201 -15.90 12.05 2.36
C GLY B 201 -17.27 12.19 2.98
N ASP B 202 -17.54 13.37 3.56
CA ASP B 202 -18.82 13.66 4.18
C ASP B 202 -19.94 13.15 3.28
N ILE B 203 -19.86 13.55 2.03
CA ILE B 203 -20.82 13.08 1.07
C ILE B 203 -19.92 12.42 0.05
N GLN B 204 -20.51 11.54 -0.76
CA GLN B 204 -19.75 10.83 -1.77
C GLN B 204 -20.58 10.44 -2.98
N SER B 205 -19.98 10.57 -4.16
CA SER B 205 -20.65 10.18 -5.40
C SER B 205 -19.58 9.83 -6.40
N ARG B 206 -19.89 8.90 -7.30
CA ARG B 206 -18.91 8.49 -8.27
C ARG B 206 -18.38 9.67 -9.03
N THR B 207 -19.27 10.49 -9.55
CA THR B 207 -18.82 11.65 -10.30
C THR B 207 -19.68 12.83 -9.92
N VAL B 208 -19.30 14.01 -10.39
CA VAL B 208 -20.07 15.21 -10.07
C VAL B 208 -21.50 15.14 -10.61
N GLU B 209 -21.66 14.67 -11.84
CA GLU B 209 -22.95 14.55 -12.50
C GLU B 209 -23.62 13.21 -12.13
N SER B 210 -22.94 12.42 -11.30
CA SER B 210 -23.42 11.11 -10.85
C SER B 210 -24.82 11.18 -10.25
N ASN B 211 -25.38 10.01 -9.99
CA ASN B 211 -26.70 9.97 -9.43
C ASN B 211 -26.74 8.91 -8.35
N ASP B 212 -25.64 8.80 -7.61
CA ASP B 212 -25.55 7.82 -6.52
C ASP B 212 -25.10 8.55 -5.27
N LEU B 213 -25.52 9.79 -5.12
CA LEU B 213 -25.08 10.54 -3.97
C LEU B 213 -25.28 9.86 -2.64
N TYR B 214 -24.21 9.80 -1.86
CA TYR B 214 -24.28 9.21 -0.54
C TYR B 214 -23.83 10.26 0.43
N ALA B 215 -24.49 10.34 1.57
CA ALA B 215 -24.10 11.33 2.55
C ALA B 215 -24.31 10.79 3.94
N ASN B 216 -23.69 11.45 4.91
CA ASN B 216 -23.78 11.04 6.30
C ASN B 216 -23.34 12.24 7.09
N THR B 217 -24.12 13.30 7.03
CA THR B 217 -23.79 14.55 7.73
C THR B 217 -24.35 14.63 9.15
N ALA B 218 -25.00 13.57 9.61
CA ALA B 218 -25.56 13.57 10.95
C ALA B 218 -26.63 14.64 11.03
N LEU B 219 -27.52 14.59 10.05
CA LEU B 219 -28.63 15.52 9.98
C LEU B 219 -29.61 15.09 11.05
N LYS B 220 -29.90 15.98 12.00
CA LYS B 220 -30.87 15.67 13.07
C LYS B 220 -32.00 16.71 13.13
N LEU B 221 -33.24 16.20 13.00
CA LEU B 221 -34.44 17.05 13.04
C LEU B 221 -34.81 17.46 14.47
N ALA B 222 -34.90 18.78 14.66
CA ALA B 222 -35.24 19.38 15.94
C ALA B 222 -36.70 19.80 15.93
N ARG B 223 -37.30 19.84 17.13
CA ARG B 223 -38.70 20.22 17.33
C ARG B 223 -38.90 21.72 17.13
N PRO B 224 -39.94 22.09 16.38
CA PRO B 224 -40.21 23.51 16.12
C PRO B 224 -40.34 24.40 17.37
N SER B 225 -39.91 25.65 17.19
CA SER B 225 -39.94 26.64 18.25
C SER B 225 -41.16 27.56 18.04
N PRO B 226 -42.05 27.65 19.05
CA PRO B 226 -43.26 28.50 18.96
C PRO B 226 -42.99 29.86 18.30
N GLY B 227 -43.92 30.28 17.44
CA GLY B 227 -43.78 31.56 16.74
C GLY B 227 -44.07 31.53 15.24
N MET B 228 -43.01 31.38 14.45
CA MET B 228 -43.14 31.31 12.99
C MET B 228 -42.69 29.90 12.59
N VAL B 229 -43.61 29.06 12.09
CA VAL B 229 -43.20 27.69 11.71
C VAL B 229 -42.06 27.67 10.71
N HIS B 230 -41.06 26.83 11.01
CA HIS B 230 -39.85 26.64 10.22
C HIS B 230 -39.31 25.23 10.54
N VAL B 231 -38.16 24.87 9.97
CA VAL B 231 -37.63 23.54 10.26
C VAL B 231 -36.27 23.57 10.89
N PRO B 232 -36.22 23.36 12.22
CA PRO B 232 -34.97 23.36 12.99
C PRO B 232 -34.31 21.99 12.86
N TYR B 233 -32.98 22.01 12.89
CA TYR B 233 -32.19 20.79 12.79
C TYR B 233 -30.71 21.04 13.12
N THR B 234 -30.03 19.96 13.50
CA THR B 234 -28.60 20.01 13.79
C THR B 234 -27.83 19.21 12.73
N GLN B 235 -26.64 19.70 12.40
CA GLN B 235 -25.83 19.03 11.42
C GLN B 235 -24.36 19.02 11.82
N THR B 236 -23.48 19.00 10.82
CA THR B 236 -22.07 18.97 11.09
C THR B 236 -21.41 19.65 9.91
N PRO B 237 -20.84 20.83 10.14
CA PRO B 237 -20.19 21.58 9.06
C PRO B 237 -19.42 20.74 8.05
N SER B 238 -19.61 21.05 6.77
CA SER B 238 -18.97 20.32 5.67
C SER B 238 -17.61 19.74 5.99
N GLY B 239 -17.55 18.43 6.06
CA GLY B 239 -16.28 17.80 6.32
C GLY B 239 -15.26 18.26 5.29
N PHE B 240 -15.73 18.43 4.06
CA PHE B 240 -14.84 18.87 3.00
C PHE B 240 -14.11 20.14 3.39
N LYS B 241 -14.84 21.09 3.95
CA LYS B 241 -14.20 22.32 4.38
C LYS B 241 -13.17 21.95 5.43
N TYR B 242 -13.55 21.11 6.38
CA TYR B 242 -12.61 20.70 7.41
C TYR B 242 -11.35 20.10 6.80
N TRP B 243 -11.52 19.23 5.82
CA TRP B 243 -10.38 18.60 5.18
C TRP B 243 -9.42 19.62 4.63
N LEU B 244 -9.96 20.64 3.98
CA LEU B 244 -9.15 21.68 3.42
C LEU B 244 -8.13 22.21 4.43
N LYS B 245 -8.55 22.45 5.66
CA LYS B 245 -7.64 22.96 6.68
C LYS B 245 -6.71 21.87 7.21
N GLU B 246 -7.24 20.65 7.32
CA GLU B 246 -6.46 19.53 7.84
C GLU B 246 -5.35 19.03 6.91
N LYS B 247 -5.75 18.36 5.83
CA LYS B 247 -4.83 17.80 4.84
C LYS B 247 -3.51 18.51 4.80
N GLY B 248 -2.45 17.86 5.24
CA GLY B 248 -1.16 18.53 5.25
C GLY B 248 -0.66 19.01 3.90
N THR B 249 0.64 18.90 3.75
CA THR B 249 1.32 19.29 2.53
C THR B 249 1.05 18.19 1.52
N ALA B 250 1.12 18.53 0.24
CA ALA B 250 0.89 17.55 -0.79
C ALA B 250 2.14 16.73 -1.10
N LEU B 251 1.96 15.68 -1.89
CA LEU B 251 3.05 14.82 -2.26
C LEU B 251 3.97 15.65 -3.13
N ASN B 252 3.37 16.58 -3.86
CA ASN B 252 4.11 17.44 -4.77
C ASN B 252 5.44 17.91 -4.26
N THR B 253 5.61 17.96 -2.94
CA THR B 253 6.87 18.41 -2.37
C THR B 253 7.42 17.48 -1.30
N LYS B 254 6.88 16.29 -1.23
CA LYS B 254 7.36 15.37 -0.24
C LYS B 254 7.81 14.10 -0.97
N ALA B 255 7.75 14.13 -2.29
CA ALA B 255 8.14 12.98 -3.06
C ALA B 255 9.63 12.66 -2.87
N PRO B 256 9.91 11.41 -2.49
CA PRO B 256 11.28 10.94 -2.27
C PRO B 256 12.04 10.80 -3.56
N PHE B 257 13.31 10.45 -3.43
CA PHE B 257 14.18 10.23 -4.57
C PHE B 257 14.13 11.31 -5.65
N GLY B 258 13.96 12.57 -5.24
CA GLY B 258 13.92 13.67 -6.18
C GLY B 258 12.79 13.61 -7.20
N CYS B 259 11.86 12.69 -6.97
CA CYS B 259 10.73 12.50 -7.84
C CYS B 259 9.90 13.80 -7.89
N GLN B 260 9.40 14.17 -9.06
CA GLN B 260 8.60 15.39 -9.24
C GLN B 260 7.17 15.04 -9.62
N ILE B 261 6.19 15.55 -8.90
CA ILE B 261 4.80 15.21 -9.23
C ILE B 261 4.15 16.16 -10.22
N LYS B 262 3.28 15.65 -11.08
CA LYS B 262 2.57 16.51 -12.01
C LYS B 262 1.09 16.16 -11.97
N THR B 263 0.23 17.08 -12.39
CA THR B 263 -1.20 16.83 -12.24
C THR B 263 -2.15 16.55 -13.37
N ASN B 264 -1.93 17.11 -14.54
CA ASN B 264 -2.92 16.86 -15.56
C ASN B 264 -3.09 15.38 -15.81
N PRO B 265 -2.08 14.73 -16.40
CA PRO B 265 -2.31 13.30 -16.61
C PRO B 265 -2.01 12.55 -15.33
N VAL B 266 -1.37 13.19 -14.36
CA VAL B 266 -1.03 12.57 -13.06
C VAL B 266 0.09 11.58 -13.16
N ARG B 267 1.29 12.03 -12.89
CA ARG B 267 2.42 11.13 -12.99
C ARG B 267 3.58 11.61 -12.17
N ALA B 268 4.61 10.79 -12.08
CA ALA B 268 5.79 11.14 -11.33
C ALA B 268 6.91 11.29 -12.33
N MET B 269 7.66 12.38 -12.27
CA MET B 269 8.75 12.59 -13.22
C MET B 269 10.15 12.48 -12.63
N ASN B 270 11.11 12.20 -13.49
CA ASN B 270 12.53 12.07 -13.13
C ASN B 270 12.87 11.34 -11.88
N CYS B 271 11.98 10.46 -11.48
CA CYS B 271 12.16 9.64 -10.30
C CYS B 271 13.50 8.93 -10.45
N ALA B 272 14.40 9.13 -9.49
CA ALA B 272 15.74 8.55 -9.60
C ALA B 272 16.00 7.24 -8.91
N VAL B 273 15.55 6.16 -9.52
CA VAL B 273 15.75 4.85 -8.92
C VAL B 273 16.01 3.81 -9.99
N GLY B 274 17.14 3.12 -9.89
CA GLY B 274 17.42 2.09 -10.87
C GLY B 274 18.54 2.32 -11.86
N ASN B 275 18.57 1.49 -12.89
CA ASN B 275 19.57 1.58 -13.92
C ASN B 275 19.00 1.17 -15.26
N ILE B 276 19.68 1.56 -16.32
CA ILE B 276 19.25 1.25 -17.67
C ILE B 276 20.40 0.59 -18.38
N PRO B 277 20.28 -0.71 -18.66
CA PRO B 277 21.31 -1.50 -19.35
C PRO B 277 21.30 -1.31 -20.88
N VAL B 278 22.48 -1.26 -21.48
CA VAL B 278 22.57 -1.08 -22.92
C VAL B 278 23.59 -2.05 -23.50
N SER B 279 23.64 -2.15 -24.83
CA SER B 279 24.62 -3.05 -25.47
C SER B 279 24.80 -2.62 -26.92
N MET B 280 26.01 -2.80 -27.43
CA MET B 280 26.32 -2.41 -28.81
C MET B 280 27.21 -3.43 -29.53
N ASN B 281 27.61 -3.10 -30.77
CA ASN B 281 28.49 -3.94 -31.61
C ASN B 281 29.92 -3.45 -31.51
N LEU B 282 30.55 -3.69 -30.37
CA LEU B 282 31.89 -3.23 -30.16
C LEU B 282 32.55 -4.03 -29.06
N PRO B 283 33.82 -4.38 -29.23
CA PRO B 283 34.54 -5.15 -28.20
C PRO B 283 34.80 -4.32 -26.92
N ASP B 284 34.84 -4.99 -25.76
CA ASP B 284 35.06 -4.29 -24.48
C ASP B 284 36.46 -3.70 -24.51
N SER B 285 37.15 -3.97 -25.61
CA SER B 285 38.50 -3.49 -25.88
C SER B 285 38.49 -2.02 -26.37
N ALA B 286 37.64 -1.73 -27.36
CA ALA B 286 37.57 -0.38 -27.85
C ALA B 286 36.93 0.54 -26.80
N PHE B 287 36.17 -0.05 -25.87
CA PHE B 287 35.49 0.74 -24.83
C PHE B 287 36.37 1.18 -23.63
N THR B 288 36.16 2.39 -23.14
CA THR B 288 36.96 2.89 -22.03
C THR B 288 36.15 3.98 -21.39
N ARG B 289 35.65 3.77 -20.17
CA ARG B 289 34.83 4.81 -19.58
C ARG B 289 35.57 6.00 -19.05
N ILE B 290 34.89 7.13 -19.13
CA ILE B 290 35.39 8.42 -18.69
C ILE B 290 34.54 8.93 -17.53
N VAL B 291 35.21 9.36 -16.46
CA VAL B 291 34.50 9.86 -15.28
C VAL B 291 35.10 11.16 -14.80
N GLU B 292 34.59 12.26 -15.31
CA GLU B 292 35.10 13.57 -14.94
C GLU B 292 34.10 14.34 -14.10
N ALA B 293 34.26 14.23 -12.78
CA ALA B 293 33.38 14.91 -11.85
C ALA B 293 34.01 16.16 -11.25
N PRO B 294 33.19 17.16 -11.00
CA PRO B 294 33.66 18.42 -10.41
C PRO B 294 34.30 18.21 -9.04
N THR B 295 35.58 18.53 -8.92
CA THR B 295 36.25 18.34 -7.64
C THR B 295 35.89 19.44 -6.66
N ILE B 296 35.31 19.09 -5.52
CA ILE B 296 34.95 20.13 -4.55
C ILE B 296 35.62 19.94 -3.19
N ILE B 297 35.90 21.05 -2.51
CA ILE B 297 36.53 21.04 -1.21
C ILE B 297 36.01 22.13 -0.30
N ASP B 298 36.38 22.03 0.99
CA ASP B 298 35.95 22.98 2.00
C ASP B 298 34.44 22.87 2.16
N LEU B 299 33.97 21.64 2.35
CA LEU B 299 32.54 21.44 2.50
C LEU B 299 32.06 21.92 3.85
N THR B 300 30.85 22.46 3.90
CA THR B 300 30.30 22.92 5.16
C THR B 300 28.78 22.85 5.22
N CYS B 301 28.29 22.12 6.22
CA CYS B 301 26.86 21.93 6.41
C CYS B 301 26.27 22.92 7.39
N THR B 302 25.06 23.36 7.14
CA THR B 302 24.39 24.33 8.02
C THR B 302 22.87 24.15 7.97
N VAL B 303 22.30 23.63 9.04
CA VAL B 303 20.87 23.41 9.03
C VAL B 303 20.08 24.61 9.50
N ALA B 304 19.26 25.17 8.62
CA ALA B 304 18.45 26.33 8.99
C ALA B 304 17.32 25.93 9.89
N THR B 305 16.24 25.48 9.28
CA THR B 305 15.09 25.02 10.03
C THR B 305 14.96 23.54 9.85
N CYS B 306 14.31 22.92 10.84
CA CYS B 306 14.08 21.49 10.86
C CYS B 306 12.91 21.06 11.73
N THR B 307 12.05 20.22 11.15
CA THR B 307 10.91 19.70 11.88
C THR B 307 11.06 18.19 12.05
N HIS B 308 10.75 17.77 13.27
CA HIS B 308 10.82 16.40 13.76
C HIS B 308 10.42 15.30 12.79
N SER B 309 9.41 14.53 13.17
CA SER B 309 8.94 13.41 12.37
C SER B 309 7.93 13.81 11.27
N SER B 310 8.45 14.36 10.17
CA SER B 310 7.62 14.79 9.05
C SER B 310 8.42 14.75 7.76
N ASP B 311 7.85 14.12 6.74
CA ASP B 311 8.47 13.97 5.43
C ASP B 311 9.27 15.19 5.00
N PHE B 312 10.58 15.05 5.11
CA PHE B 312 11.56 16.06 4.77
C PHE B 312 11.26 17.42 5.39
N GLY B 313 11.29 17.47 6.72
CA GLY B 313 11.01 18.71 7.41
C GLY B 313 12.26 19.54 7.67
N GLY B 314 13.41 19.06 7.26
CA GLY B 314 14.63 19.80 7.48
C GLY B 314 15.19 20.40 6.22
N VAL B 315 16.04 21.39 6.40
CA VAL B 315 16.65 22.09 5.27
C VAL B 315 18.14 22.34 5.49
N LEU B 316 18.97 21.63 4.74
CA LEU B 316 20.41 21.76 4.85
C LEU B 316 20.93 22.71 3.81
N THR B 317 22.06 23.34 4.09
CA THR B 317 22.65 24.24 3.13
C THR B 317 24.14 24.01 3.12
N LEU B 318 24.67 23.64 1.97
CA LEU B 318 26.09 23.38 1.89
C LEU B 318 26.88 24.48 1.24
N THR B 319 27.95 24.93 1.90
CA THR B 319 28.80 25.97 1.33
C THR B 319 30.02 25.21 0.85
N TYR B 320 30.69 25.71 -0.18
CA TYR B 320 31.85 25.01 -0.70
C TYR B 320 32.63 25.78 -1.75
N LYS B 321 33.60 25.09 -2.34
CA LYS B 321 34.44 25.62 -3.39
C LYS B 321 34.60 24.57 -4.48
N THR B 322 34.32 24.95 -5.70
CA THR B 322 34.46 24.02 -6.79
C THR B 322 35.56 24.48 -7.75
N ASN B 323 36.00 23.56 -8.60
CA ASN B 323 37.02 23.87 -9.60
C ASN B 323 36.35 24.08 -10.97
N LYS B 324 35.18 23.48 -11.18
CA LYS B 324 34.45 23.60 -12.44
C LYS B 324 32.94 23.47 -12.20
N ASN B 325 32.14 24.40 -12.71
CA ASN B 325 30.68 24.30 -12.51
C ASN B 325 30.22 22.98 -13.14
N GLY B 326 29.42 22.20 -12.40
CA GLY B 326 28.95 20.93 -12.90
C GLY B 326 27.66 20.41 -12.27
N ASP B 327 27.60 19.10 -12.04
CA ASP B 327 26.43 18.45 -11.46
C ASP B 327 26.87 17.26 -10.59
N CYS B 328 26.76 17.43 -9.28
CA CYS B 328 27.16 16.39 -8.33
C CYS B 328 26.04 15.55 -7.74
N SER B 329 26.43 14.48 -7.07
CA SER B 329 25.48 13.61 -6.44
C SER B 329 25.51 13.82 -4.94
N VAL B 330 24.34 13.80 -4.32
CA VAL B 330 24.23 14.00 -2.88
C VAL B 330 23.75 12.76 -2.17
N HIS B 331 24.38 12.49 -1.03
CA HIS B 331 24.07 11.30 -0.27
C HIS B 331 24.19 11.53 1.22
N SER B 332 23.62 10.60 1.98
CA SER B 332 23.68 10.63 3.43
C SER B 332 24.27 9.31 3.95
N HIS B 333 25.35 9.41 4.69
CA HIS B 333 25.97 8.20 5.18
C HIS B 333 25.54 7.82 6.61
N SER B 334 24.39 8.35 7.02
CA SER B 334 23.89 8.07 8.35
C SER B 334 22.41 7.72 8.28
N ASN B 335 22.07 6.48 8.59
CA ASN B 335 20.68 6.06 8.53
C ASN B 335 19.72 6.93 9.32
N VAL B 336 20.25 7.81 10.15
CA VAL B 336 19.40 8.66 10.96
C VAL B 336 18.85 9.85 10.19
N ALA B 337 19.28 10.00 8.93
CA ALA B 337 18.82 11.10 8.10
C ALA B 337 18.77 10.70 6.63
N THR B 338 17.74 11.17 5.94
CA THR B 338 17.58 10.86 4.54
C THR B 338 17.43 12.11 3.71
N LEU B 339 18.03 12.10 2.53
CA LEU B 339 18.00 13.25 1.61
C LEU B 339 16.91 13.11 0.57
N GLN B 340 16.17 14.18 0.32
CA GLN B 340 15.10 14.13 -0.67
C GLN B 340 15.68 14.01 -2.07
N GLU B 341 16.34 15.07 -2.55
CA GLU B 341 16.94 15.05 -3.87
C GLU B 341 18.11 14.08 -3.91
N ALA B 342 18.47 13.66 -5.11
CA ALA B 342 19.57 12.72 -5.19
C ALA B 342 20.69 13.32 -6.03
N THR B 343 20.59 14.60 -6.28
CA THR B 343 21.60 15.28 -7.06
C THR B 343 21.42 16.77 -6.90
N ALA B 344 22.47 17.51 -7.21
CA ALA B 344 22.43 18.97 -7.11
C ALA B 344 23.47 19.60 -8.03
N LYS B 345 23.11 20.70 -8.66
CA LYS B 345 24.04 21.35 -9.55
C LYS B 345 25.07 22.15 -8.76
N VAL B 346 26.34 22.00 -9.13
CA VAL B 346 27.38 22.71 -8.45
C VAL B 346 27.89 23.91 -9.21
N LYS B 347 27.50 25.09 -8.73
CA LYS B 347 27.87 26.36 -9.31
C LYS B 347 29.08 26.92 -8.53
N THR B 348 29.86 27.76 -9.19
CA THR B 348 31.04 28.36 -8.57
C THR B 348 30.67 29.36 -7.47
N ALA B 349 29.38 29.67 -7.39
CA ALA B 349 28.86 30.57 -6.39
C ALA B 349 29.16 29.96 -5.01
N GLY B 350 28.90 28.67 -4.86
CA GLY B 350 29.16 27.97 -3.60
C GLY B 350 27.97 27.70 -2.68
N LYS B 351 26.76 27.75 -3.24
CA LYS B 351 25.52 27.55 -2.46
C LYS B 351 24.63 26.42 -2.95
N VAL B 352 24.37 25.43 -2.08
CA VAL B 352 23.52 24.28 -2.41
C VAL B 352 22.55 24.01 -1.30
N THR B 353 21.27 23.98 -1.65
CA THR B 353 20.24 23.73 -0.66
C THR B 353 19.63 22.34 -0.84
N LEU B 354 19.49 21.59 0.24
CA LEU B 354 18.91 20.26 0.20
C LEU B 354 17.90 20.07 1.31
N HIS B 355 16.91 19.21 1.06
CA HIS B 355 15.91 18.92 2.06
C HIS B 355 16.20 17.55 2.61
N PHE B 356 16.24 17.44 3.93
CA PHE B 356 16.52 16.16 4.53
C PHE B 356 15.38 15.77 5.44
N SER B 357 15.39 14.53 5.90
CA SER B 357 14.33 14.04 6.79
C SER B 357 14.84 13.09 7.87
N THR B 358 14.33 13.26 9.07
CA THR B 358 14.75 12.41 10.13
C THR B 358 13.68 12.39 11.17
N ALA B 359 13.71 11.40 12.03
CA ALA B 359 12.69 11.32 13.04
C ALA B 359 13.29 11.50 14.40
N SER B 360 14.52 11.98 14.42
CA SER B 360 15.23 12.17 15.68
C SER B 360 15.57 13.60 15.97
N ALA B 361 14.90 14.18 16.96
CA ALA B 361 15.18 15.56 17.34
C ALA B 361 16.64 15.57 17.71
N SER B 362 17.42 16.52 17.21
CA SER B 362 18.86 16.59 17.56
C SER B 362 19.69 15.42 16.97
N PRO B 363 19.67 15.28 15.64
CA PRO B 363 20.37 14.24 14.86
C PRO B 363 21.74 14.73 14.38
N SER B 364 22.63 13.80 14.11
CA SER B 364 23.95 14.18 13.64
C SER B 364 24.41 13.31 12.49
N PHE B 365 24.07 13.75 11.28
CA PHE B 365 24.40 13.00 10.08
C PHE B 365 25.50 13.62 9.25
N VAL B 366 25.94 12.88 8.25
CA VAL B 366 27.00 13.34 7.36
C VAL B 366 26.55 13.30 5.92
N VAL B 367 26.34 14.49 5.35
CA VAL B 367 25.92 14.62 3.96
C VAL B 367 27.13 14.55 3.06
N SER B 368 26.92 14.31 1.78
CA SER B 368 28.03 14.27 0.85
C SER B 368 27.75 14.97 -0.46
N LEU B 369 28.77 15.59 -1.01
CA LEU B 369 28.66 16.29 -2.27
C LEU B 369 29.77 15.76 -3.16
N CYS B 370 29.40 14.80 -4.01
CA CYS B 370 30.34 14.15 -4.88
C CYS B 370 31.26 13.35 -4.00
N SER B 371 32.54 13.70 -3.98
CA SER B 371 33.51 12.96 -3.16
C SER B 371 33.82 13.63 -1.83
N ALA B 372 33.20 14.76 -1.56
CA ALA B 372 33.46 15.48 -0.32
C ALA B 372 32.42 15.22 0.76
N ARG B 373 32.86 15.14 2.02
CA ARG B 373 31.91 14.91 3.10
C ARG B 373 31.90 16.05 4.10
N ALA B 374 30.83 16.11 4.87
CA ALA B 374 30.68 17.15 5.88
C ALA B 374 29.62 16.75 6.89
N THR B 375 29.81 17.16 8.15
CA THR B 375 28.86 16.80 9.19
C THR B 375 27.78 17.84 9.36
N CYS B 376 26.60 17.39 9.78
CA CYS B 376 25.49 18.28 10.01
C CYS B 376 24.94 18.03 11.39
N SER B 377 24.77 19.10 12.15
CA SER B 377 24.27 18.97 13.49
C SER B 377 23.14 19.97 13.63
N ALA B 378 21.97 19.49 14.08
CA ALA B 378 20.84 20.39 14.24
C ALA B 378 19.87 19.90 15.29
N SER B 379 19.00 20.80 15.76
CA SER B 379 17.98 20.44 16.74
C SER B 379 16.62 20.76 16.13
N CYS B 380 15.76 19.73 16.01
CA CYS B 380 14.44 19.88 15.39
C CYS B 380 13.26 19.98 16.35
N GLU B 381 12.19 20.64 15.92
CA GLU B 381 10.99 20.80 16.75
C GLU B 381 9.97 19.75 16.30
N PRO B 382 9.16 19.20 17.22
CA PRO B 382 8.15 18.20 16.91
C PRO B 382 7.14 18.77 15.94
N PRO B 383 6.40 17.89 15.23
CA PRO B 383 5.38 18.24 14.24
C PRO B 383 4.25 19.09 14.76
N LYS B 384 3.71 19.92 13.87
CA LYS B 384 2.62 20.81 14.23
C LYS B 384 1.44 20.07 14.86
N ASP B 385 0.63 20.79 15.63
CA ASP B 385 -0.54 20.20 16.25
C ASP B 385 -1.57 20.00 15.16
N HIS B 386 -2.40 18.97 15.31
CA HIS B 386 -3.45 18.69 14.35
C HIS B 386 -4.56 19.72 14.50
N ILE B 387 -5.59 19.61 13.67
CA ILE B 387 -6.70 20.54 13.77
C ILE B 387 -7.93 19.77 14.27
N VAL B 388 -8.06 19.71 15.58
CA VAL B 388 -9.18 19.01 16.20
C VAL B 388 -10.45 19.37 15.51
N PRO B 389 -11.25 18.35 15.17
CA PRO B 389 -12.54 18.52 14.49
C PRO B 389 -13.67 18.87 15.47
N TYR B 390 -14.91 18.83 14.98
CA TYR B 390 -16.04 19.15 15.81
C TYR B 390 -16.04 18.32 17.09
N ALA B 391 -15.57 18.95 18.18
CA ALA B 391 -15.51 18.31 19.52
C ALA B 391 -16.91 18.23 20.23
N TYR C 1 37.25 -16.56 -19.36
CA TYR C 1 36.38 -15.60 -20.11
C TYR C 1 35.00 -15.57 -19.51
N GLU C 2 34.49 -14.35 -19.38
CA GLU C 2 33.16 -14.12 -18.81
C GLU C 2 32.55 -12.96 -19.56
N HIS C 3 31.47 -13.25 -20.28
CA HIS C 3 30.75 -12.23 -21.01
C HIS C 3 29.43 -12.03 -20.28
N SER C 4 29.07 -10.78 -20.02
CA SER C 4 27.84 -10.50 -19.30
C SER C 4 26.79 -9.88 -20.21
N THR C 5 25.52 -10.16 -19.91
CA THR C 5 24.44 -9.64 -20.74
C THR C 5 23.21 -9.50 -19.88
N VAL C 6 22.09 -9.23 -20.54
CA VAL C 6 20.85 -9.07 -19.83
C VAL C 6 19.70 -9.16 -20.80
N MET C 7 18.74 -10.02 -20.47
CA MET C 7 17.58 -10.23 -21.32
C MET C 7 16.38 -9.68 -20.63
N PRO C 8 15.35 -9.32 -21.40
CA PRO C 8 14.12 -8.77 -20.86
C PRO C 8 13.32 -9.83 -20.12
N ASN C 9 12.61 -9.38 -19.09
CA ASN C 9 11.79 -10.25 -18.29
C ASN C 9 10.38 -10.34 -18.83
N VAL C 10 10.25 -10.61 -20.12
CA VAL C 10 8.94 -10.71 -20.73
C VAL C 10 8.79 -12.06 -21.39
N VAL C 11 7.72 -12.74 -21.05
CA VAL C 11 7.46 -14.05 -21.62
C VAL C 11 7.12 -13.93 -23.08
N GLY C 12 7.99 -14.42 -23.94
CA GLY C 12 7.74 -14.34 -25.35
C GLY C 12 8.93 -13.76 -26.08
N PHE C 13 9.05 -12.43 -26.10
CA PHE C 13 10.16 -11.76 -26.77
C PHE C 13 11.43 -12.49 -26.32
N PRO C 14 12.13 -13.14 -27.26
CA PRO C 14 13.36 -13.89 -26.95
C PRO C 14 14.66 -13.11 -27.06
N TYR C 15 15.74 -13.79 -26.72
CA TYR C 15 17.08 -13.25 -26.78
C TYR C 15 17.75 -14.19 -27.76
N LYS C 16 18.38 -13.66 -28.81
CA LYS C 16 19.02 -14.52 -29.78
C LYS C 16 20.41 -14.04 -30.13
N ALA C 17 21.42 -14.78 -29.72
CA ALA C 17 22.80 -14.41 -30.01
C ALA C 17 23.41 -15.39 -31.00
N HIS C 18 24.40 -14.92 -31.75
CA HIS C 18 25.04 -15.77 -32.75
C HIS C 18 26.49 -15.97 -32.33
N ILE C 19 26.70 -16.95 -31.46
CA ILE C 19 28.05 -17.21 -30.96
C ILE C 19 28.98 -17.86 -31.97
N GLU C 20 29.83 -17.03 -32.59
CA GLU C 20 30.79 -17.49 -33.60
C GLU C 20 32.18 -17.73 -33.02
N ARG C 21 32.31 -18.79 -32.21
CA ARG C 21 33.58 -19.14 -31.58
C ARG C 21 34.61 -19.71 -32.59
N PRO C 22 35.73 -18.97 -32.89
CA PRO C 22 36.77 -19.47 -33.83
C PRO C 22 37.27 -20.85 -33.36
N GLY C 23 36.73 -21.88 -34.01
CA GLY C 23 37.04 -23.28 -33.72
C GLY C 23 36.41 -24.11 -34.85
N TYR C 24 35.10 -23.93 -35.05
CA TYR C 24 34.31 -24.62 -36.10
C TYR C 24 32.88 -24.09 -36.27
N SER C 25 31.95 -25.04 -36.30
CA SER C 25 30.49 -24.80 -36.42
C SER C 25 30.02 -23.62 -35.54
N PRO C 26 29.37 -22.60 -36.15
CA PRO C 26 28.87 -21.46 -35.37
C PRO C 26 27.59 -21.85 -34.58
N LEU C 27 27.58 -21.53 -33.29
CA LEU C 27 26.46 -21.83 -32.40
C LEU C 27 25.43 -20.72 -32.38
N THR C 28 24.17 -21.10 -32.21
CA THR C 28 23.09 -20.15 -32.18
C THR C 28 22.38 -20.25 -30.85
N LEU C 29 22.82 -19.43 -29.89
CA LEU C 29 22.23 -19.41 -28.55
C LEU C 29 20.93 -18.65 -28.55
N GLN C 30 19.96 -19.15 -27.79
CA GLN C 30 18.67 -18.49 -27.74
C GLN C 30 17.96 -18.88 -26.45
N MET C 31 17.79 -17.90 -25.57
CA MET C 31 17.13 -18.10 -24.29
C MET C 31 16.01 -17.12 -24.11
N GLN C 32 14.85 -17.61 -23.68
CA GLN C 32 13.72 -16.73 -23.48
C GLN C 32 12.93 -17.20 -22.28
N VAL C 33 12.23 -16.25 -21.65
CA VAL C 33 11.44 -16.56 -20.48
C VAL C 33 10.16 -17.21 -20.92
N VAL C 34 9.67 -18.16 -20.13
CA VAL C 34 8.43 -18.82 -20.49
C VAL C 34 7.35 -18.74 -19.42
N GLU C 35 7.71 -18.26 -18.23
CA GLU C 35 6.78 -18.18 -17.11
C GLU C 35 7.30 -17.29 -16.03
N THR C 36 6.43 -16.82 -15.16
CA THR C 36 6.87 -15.95 -14.08
C THR C 36 5.88 -16.09 -12.97
N SER C 37 6.36 -16.47 -11.79
CA SER C 37 5.49 -16.68 -10.65
C SER C 37 5.86 -15.83 -9.43
N LEU C 38 4.96 -14.94 -9.05
CA LEU C 38 5.16 -14.07 -7.92
C LEU C 38 4.11 -14.40 -6.88
N GLU C 39 4.49 -15.15 -5.86
CA GLU C 39 3.51 -15.51 -4.84
C GLU C 39 3.66 -14.66 -3.60
N PRO C 40 2.55 -14.17 -3.08
CA PRO C 40 2.64 -13.34 -1.88
C PRO C 40 2.45 -14.17 -0.62
N THR C 41 2.64 -13.58 0.55
CA THR C 41 2.46 -14.31 1.80
C THR C 41 1.15 -13.91 2.44
N LEU C 42 0.07 -14.54 2.03
CA LEU C 42 -1.23 -14.21 2.58
C LEU C 42 -1.28 -14.47 4.07
N ASN C 43 -1.75 -13.49 4.83
CA ASN C 43 -1.89 -13.65 6.27
C ASN C 43 -3.37 -13.41 6.56
N LEU C 44 -4.17 -14.48 6.45
CA LEU C 44 -5.59 -14.41 6.67
C LEU C 44 -5.98 -13.52 7.85
N GLU C 45 -6.72 -12.45 7.58
CA GLU C 45 -7.12 -11.58 8.67
C GLU C 45 -8.48 -12.03 9.17
N TYR C 46 -9.43 -12.23 8.27
CA TYR C 46 -10.76 -12.71 8.66
C TYR C 46 -11.60 -13.00 7.44
N ILE C 47 -12.72 -13.68 7.65
CA ILE C 47 -13.61 -13.96 6.55
C ILE C 47 -15.02 -13.50 6.90
N THR C 48 -15.79 -13.18 5.87
CA THR C 48 -17.15 -12.73 6.07
C THR C 48 -18.05 -13.46 5.09
N CYS C 49 -19.35 -13.46 5.41
CA CYS C 49 -20.37 -14.14 4.62
C CYS C 49 -21.77 -13.77 5.08
N GLU C 50 -22.79 -14.23 4.36
CA GLU C 50 -24.16 -13.91 4.73
C GLU C 50 -24.38 -14.27 6.19
N TYR C 51 -25.06 -13.39 6.92
CA TYR C 51 -25.30 -13.69 8.32
C TYR C 51 -26.67 -14.31 8.49
N LYS C 52 -26.91 -14.80 9.70
CA LYS C 52 -28.17 -15.45 10.07
C LYS C 52 -28.61 -14.88 11.42
N THR C 53 -29.82 -14.34 11.47
CA THR C 53 -30.32 -13.78 12.71
C THR C 53 -30.86 -14.88 13.61
N VAL C 54 -30.73 -14.68 14.92
CA VAL C 54 -31.23 -15.65 15.87
C VAL C 54 -32.01 -15.00 16.99
N VAL C 55 -33.21 -15.53 17.21
CA VAL C 55 -34.11 -15.05 18.25
C VAL C 55 -34.58 -16.18 19.16
N PRO C 56 -34.10 -16.17 20.42
CA PRO C 56 -34.47 -17.19 21.40
C PRO C 56 -35.96 -17.15 21.71
N SER C 57 -36.39 -18.03 22.61
CA SER C 57 -37.80 -18.12 23.04
C SER C 57 -38.11 -16.84 23.81
N PRO C 58 -39.21 -16.18 23.45
CA PRO C 58 -39.68 -14.94 24.06
C PRO C 58 -40.15 -15.15 25.49
N TYR C 59 -39.60 -14.36 26.43
CA TYR C 59 -39.98 -14.48 27.86
C TYR C 59 -41.35 -13.92 28.14
N VAL C 60 -42.36 -14.75 27.89
CA VAL C 60 -43.75 -14.35 28.11
C VAL C 60 -44.02 -14.09 29.60
N LYS C 61 -43.90 -12.83 30.00
CA LYS C 61 -44.12 -12.52 31.41
C LYS C 61 -45.58 -12.43 31.74
N CYS C 62 -45.86 -11.91 32.93
CA CYS C 62 -47.24 -11.84 33.39
C CYS C 62 -47.40 -11.01 34.67
N CYS C 63 -47.05 -11.60 35.82
CA CYS C 63 -47.14 -10.91 37.10
C CYS C 63 -45.79 -10.46 37.64
N GLY C 64 -44.74 -10.63 36.82
CA GLY C 64 -43.40 -10.25 37.24
C GLY C 64 -42.73 -9.17 36.42
N ALA C 65 -41.41 -9.05 36.60
CA ALA C 65 -40.60 -8.05 35.88
C ALA C 65 -39.19 -8.57 35.59
N SER C 66 -39.13 -9.75 35.00
CA SER C 66 -37.83 -10.35 34.66
C SER C 66 -36.98 -9.31 33.91
N GLU C 67 -35.81 -9.00 34.45
CA GLU C 67 -34.90 -8.07 33.78
C GLU C 67 -33.78 -8.83 33.12
N CYS C 68 -33.27 -8.28 32.01
CA CYS C 68 -32.18 -8.91 31.26
C CYS C 68 -30.83 -8.27 31.47
N SER C 69 -29.83 -9.14 31.42
CA SER C 69 -28.43 -8.80 31.64
C SER C 69 -27.68 -8.48 30.35
N THR C 70 -26.55 -9.15 30.16
CA THR C 70 -25.76 -8.96 28.96
C THR C 70 -25.12 -10.25 28.64
N LYS C 71 -25.70 -10.99 27.72
CA LYS C 71 -25.13 -12.27 27.33
C LYS C 71 -23.87 -12.01 26.45
N GLU C 72 -23.06 -13.04 26.22
CA GLU C 72 -21.84 -12.86 25.41
C GLU C 72 -21.96 -13.19 23.95
N LYS C 73 -23.19 -13.43 23.51
CA LYS C 73 -23.45 -13.74 22.09
C LYS C 73 -23.05 -12.56 21.17
N PRO C 74 -23.02 -12.80 19.86
CA PRO C 74 -22.65 -11.74 18.92
C PRO C 74 -23.65 -10.58 18.93
N ASP C 75 -23.14 -9.38 19.26
CA ASP C 75 -23.95 -8.16 19.29
C ASP C 75 -25.30 -8.41 19.96
N TYR C 76 -25.22 -8.92 21.17
CA TYR C 76 -26.40 -9.24 21.92
C TYR C 76 -27.29 -8.05 22.03
N GLN C 77 -28.57 -8.35 22.01
CA GLN C 77 -29.57 -7.32 22.15
C GLN C 77 -30.66 -7.85 23.06
N CYS C 78 -30.98 -7.05 24.09
CA CYS C 78 -32.05 -7.38 25.03
C CYS C 78 -32.78 -6.14 25.53
N LYS C 79 -34.11 -6.21 25.39
CA LYS C 79 -35.02 -5.16 25.81
C LYS C 79 -36.25 -5.82 26.36
N VAL C 80 -36.75 -5.23 27.44
CA VAL C 80 -37.93 -5.71 28.09
C VAL C 80 -39.00 -4.61 28.06
N TYR C 81 -40.22 -4.97 27.64
CA TYR C 81 -41.34 -4.01 27.56
C TYR C 81 -42.52 -4.28 28.54
N THR C 82 -43.53 -3.41 28.53
CA THR C 82 -44.69 -3.60 29.40
C THR C 82 -46.02 -3.46 28.63
N GLY C 83 -46.26 -4.38 27.70
CA GLY C 83 -47.49 -4.33 26.92
C GLY C 83 -48.09 -5.70 26.63
N VAL C 84 -48.29 -6.00 25.35
CA VAL C 84 -48.90 -7.24 24.88
C VAL C 84 -50.20 -7.35 25.64
N TYR C 85 -51.11 -6.41 25.34
CA TYR C 85 -52.40 -6.34 26.03
C TYR C 85 -53.62 -6.79 25.24
N PRO C 86 -53.43 -7.69 24.25
CA PRO C 86 -54.61 -8.13 23.50
C PRO C 86 -55.63 -8.67 24.52
N PHE C 87 -55.09 -9.49 25.43
CA PHE C 87 -55.83 -10.13 26.51
C PHE C 87 -54.90 -11.30 26.95
N MET C 88 -55.09 -12.47 26.33
CA MET C 88 -54.33 -13.69 26.59
C MET C 88 -54.23 -14.19 28.02
N TRP C 89 -54.79 -13.46 28.99
CA TRP C 89 -54.65 -13.89 30.38
C TRP C 89 -55.55 -15.09 30.79
N GLY C 90 -56.32 -14.87 31.87
CA GLY C 90 -57.22 -15.90 32.39
C GLY C 90 -57.49 -15.74 33.87
N GLY C 91 -56.53 -15.11 34.58
CA GLY C 91 -56.66 -14.87 36.01
C GLY C 91 -56.10 -15.96 36.94
N ALA C 92 -56.37 -17.22 36.61
CA ALA C 92 -55.91 -18.41 37.38
C ALA C 92 -54.38 -18.60 37.38
N TYR C 93 -53.72 -17.84 36.50
CA TYR C 93 -52.26 -17.85 36.33
C TYR C 93 -51.64 -16.52 36.76
N CYS C 94 -52.28 -15.42 36.32
CA CYS C 94 -51.84 -14.05 36.60
C CYS C 94 -52.88 -13.03 37.11
N PHE C 95 -53.35 -13.24 38.33
CA PHE C 95 -54.32 -12.35 38.99
C PHE C 95 -53.52 -11.20 39.53
N CYS C 96 -52.79 -10.52 38.66
CA CYS C 96 -51.95 -9.41 39.12
C CYS C 96 -52.69 -8.08 39.15
N ASP C 97 -52.11 -7.14 39.88
CA ASP C 97 -52.64 -5.80 40.02
C ASP C 97 -51.96 -4.93 38.95
N SER C 98 -50.70 -5.28 38.66
CA SER C 98 -49.89 -4.60 37.65
C SER C 98 -50.12 -5.21 36.26
N GLU C 99 -49.71 -4.43 35.25
CA GLU C 99 -49.83 -4.77 33.83
C GLU C 99 -48.77 -5.82 33.42
N ASN C 100 -48.88 -6.25 32.16
CA ASN C 100 -47.96 -7.22 31.56
C ASN C 100 -46.53 -6.79 31.37
N THR C 101 -45.67 -7.78 31.17
CA THR C 101 -44.24 -7.54 30.91
C THR C 101 -43.71 -8.57 29.91
N GLN C 102 -42.69 -8.20 29.14
CA GLN C 102 -42.12 -9.13 28.15
C GLN C 102 -40.66 -8.79 27.78
N LEU C 103 -39.82 -9.81 27.86
CA LEU C 103 -38.41 -9.66 27.57
C LEU C 103 -37.94 -10.37 26.31
N SER C 104 -37.80 -9.58 25.26
CA SER C 104 -37.36 -10.12 24.00
C SER C 104 -35.87 -9.86 23.78
N GLU C 105 -35.24 -10.82 23.08
CA GLU C 105 -33.81 -10.76 22.79
C GLU C 105 -33.39 -11.52 21.51
N ALA C 106 -32.24 -11.13 20.97
CA ALA C 106 -31.67 -11.75 19.77
C ALA C 106 -30.15 -11.48 19.69
N TYR C 107 -29.49 -12.26 18.82
CA TYR C 107 -28.04 -12.20 18.57
C TYR C 107 -27.80 -12.73 17.16
N VAL C 108 -26.53 -12.80 16.76
CA VAL C 108 -26.17 -13.22 15.41
C VAL C 108 -25.14 -14.34 15.29
N ASP C 109 -25.21 -15.05 14.17
CA ASP C 109 -24.26 -16.12 13.89
C ASP C 109 -24.22 -16.24 12.40
N ARG C 110 -23.05 -16.56 11.86
CA ARG C 110 -22.90 -16.68 10.42
C ARG C 110 -23.78 -17.74 9.78
N SER C 111 -24.42 -17.36 8.69
CA SER C 111 -25.29 -18.27 7.97
C SER C 111 -24.73 -19.68 7.73
N ASP C 112 -25.62 -20.64 7.66
CA ASP C 112 -25.24 -22.02 7.46
C ASP C 112 -24.64 -22.24 6.07
N VAL C 113 -24.47 -21.17 5.31
CA VAL C 113 -23.93 -21.31 3.97
C VAL C 113 -22.52 -20.80 3.82
N CYS C 114 -21.98 -20.22 4.89
CA CYS C 114 -20.61 -19.67 4.84
C CYS C 114 -19.66 -20.73 4.34
N ARG C 115 -19.73 -21.92 4.94
CA ARG C 115 -18.83 -22.98 4.55
C ARG C 115 -18.52 -23.01 3.06
N HIS C 116 -19.55 -23.05 2.22
CA HIS C 116 -19.30 -23.12 0.78
C HIS C 116 -19.63 -21.84 -0.01
N ASP C 117 -19.40 -20.68 0.62
CA ASP C 117 -19.68 -19.40 -0.02
C ASP C 117 -19.34 -18.23 0.91
N HIS C 118 -18.06 -17.91 0.94
CA HIS C 118 -17.56 -16.84 1.77
C HIS C 118 -16.35 -16.26 1.10
N ALA C 119 -16.06 -15.00 1.41
CA ALA C 119 -14.90 -14.33 0.85
C ALA C 119 -13.85 -14.32 1.92
N SER C 120 -12.61 -14.07 1.53
CA SER C 120 -11.54 -14.03 2.48
C SER C 120 -10.73 -12.74 2.35
N ALA C 121 -10.32 -12.21 3.49
CA ALA C 121 -9.55 -10.97 3.52
C ALA C 121 -8.16 -11.26 4.05
N TYR C 122 -7.19 -11.36 3.14
CA TYR C 122 -5.82 -11.64 3.55
C TYR C 122 -4.97 -10.38 3.54
N LYS C 123 -3.84 -10.46 4.20
CA LYS C 123 -2.95 -9.32 4.26
C LYS C 123 -1.75 -9.92 3.57
N ALA C 124 -1.49 -9.54 2.32
CA ALA C 124 -0.39 -10.11 1.53
C ALA C 124 0.80 -9.23 1.23
N HIS C 125 1.98 -9.85 1.20
CA HIS C 125 3.22 -9.13 0.88
C HIS C 125 4.04 -10.04 0.02
N THR C 126 4.63 -9.50 -1.04
CA THR C 126 5.43 -10.34 -1.90
C THR C 126 6.44 -11.25 -1.16
N ALA C 127 6.32 -12.56 -1.34
CA ALA C 127 7.18 -13.55 -0.68
C ALA C 127 8.34 -14.05 -1.53
N SER C 128 8.09 -14.28 -2.81
CA SER C 128 9.13 -14.67 -3.75
C SER C 128 8.62 -14.68 -5.18
N LEU C 129 9.56 -14.41 -6.07
CA LEU C 129 9.31 -14.34 -7.48
C LEU C 129 10.38 -15.12 -8.18
N LYS C 130 9.98 -16.11 -8.98
CA LYS C 130 10.90 -16.94 -9.73
C LYS C 130 10.40 -17.03 -11.14
N ALA C 131 11.30 -17.31 -12.07
CA ALA C 131 10.95 -17.41 -13.47
C ALA C 131 11.61 -18.61 -14.12
N LYS C 132 10.98 -19.12 -15.17
CA LYS C 132 11.51 -20.26 -15.91
C LYS C 132 12.04 -19.77 -17.23
N VAL C 133 13.32 -20.01 -17.45
CA VAL C 133 13.98 -19.59 -18.69
C VAL C 133 14.43 -20.79 -19.50
N ARG C 134 13.99 -20.86 -20.75
CA ARG C 134 14.35 -21.98 -21.59
C ARG C 134 15.49 -21.55 -22.49
N VAL C 135 16.67 -22.11 -22.25
CA VAL C 135 17.82 -21.76 -23.07
C VAL C 135 18.09 -22.84 -24.09
N MET C 136 18.21 -22.42 -25.35
CA MET C 136 18.47 -23.36 -26.44
C MET C 136 19.83 -23.09 -27.00
N TYR C 137 20.82 -23.75 -26.40
CA TYR C 137 22.21 -23.62 -26.80
C TYR C 137 22.53 -24.63 -27.88
N GLY C 138 22.78 -24.12 -29.08
CA GLY C 138 23.08 -25.01 -30.19
C GLY C 138 22.07 -26.12 -30.34
N ASN C 139 22.49 -27.35 -30.06
CA ASN C 139 21.62 -28.51 -30.19
C ASN C 139 21.18 -29.06 -28.84
N VAL C 140 21.07 -28.15 -27.88
CA VAL C 140 20.64 -28.52 -26.55
C VAL C 140 19.63 -27.56 -25.98
N ASN C 141 18.61 -28.14 -25.32
CA ASN C 141 17.55 -27.34 -24.74
C ASN C 141 17.40 -27.66 -23.26
N GLN C 142 17.54 -26.64 -22.42
CA GLN C 142 17.42 -26.84 -20.99
C GLN C 142 16.66 -25.69 -20.34
N THR C 143 15.92 -25.98 -19.29
CA THR C 143 15.16 -24.95 -18.60
C THR C 143 15.75 -24.68 -17.22
N VAL C 144 16.05 -23.42 -16.98
CA VAL C 144 16.65 -23.04 -15.72
C VAL C 144 15.73 -22.18 -14.89
N ASP C 145 15.84 -22.28 -13.58
CA ASP C 145 15.02 -21.46 -12.69
C ASP C 145 15.81 -20.24 -12.27
N VAL C 146 15.17 -19.09 -12.26
CA VAL C 146 15.84 -17.87 -11.85
C VAL C 146 15.04 -17.14 -10.79
N TYR C 147 15.69 -16.63 -9.75
CA TYR C 147 14.97 -15.91 -8.70
C TYR C 147 15.40 -14.46 -8.47
N VAL C 148 14.97 -13.88 -7.36
CA VAL C 148 15.33 -12.52 -7.02
C VAL C 148 16.15 -12.64 -5.77
N ASN C 149 15.78 -13.62 -4.97
CA ASN C 149 16.42 -13.89 -3.71
C ASN C 149 17.63 -14.74 -3.95
N GLY C 150 18.52 -14.24 -4.81
CA GLY C 150 19.74 -14.98 -5.11
C GLY C 150 19.92 -15.31 -6.59
N ASP C 151 21.16 -15.59 -6.96
CA ASP C 151 21.48 -15.93 -8.34
C ASP C 151 21.36 -17.45 -8.48
N HIS C 152 21.89 -17.96 -9.58
CA HIS C 152 21.84 -19.38 -9.85
C HIS C 152 22.79 -19.70 -10.96
N ALA C 153 23.74 -20.58 -10.64
CA ALA C 153 24.75 -21.01 -11.59
C ALA C 153 24.43 -22.39 -12.12
N VAL C 154 24.54 -22.54 -13.43
CA VAL C 154 24.26 -23.83 -14.01
C VAL C 154 25.14 -24.08 -15.21
N THR C 155 25.44 -25.34 -15.46
CA THR C 155 26.30 -25.68 -16.59
C THR C 155 25.48 -26.33 -17.68
N ILE C 156 25.46 -25.71 -18.85
CA ILE C 156 24.69 -26.24 -19.96
C ILE C 156 25.44 -26.22 -21.28
N GLY C 157 25.58 -27.40 -21.89
CA GLY C 157 26.29 -27.48 -23.16
C GLY C 157 27.79 -27.39 -22.96
N GLY C 158 28.25 -27.69 -21.74
CA GLY C 158 29.67 -27.63 -21.46
C GLY C 158 30.09 -26.20 -21.24
N THR C 159 29.12 -25.32 -21.16
CA THR C 159 29.41 -23.93 -20.92
C THR C 159 28.79 -23.54 -19.59
N GLN C 160 29.46 -22.66 -18.85
CA GLN C 160 28.94 -22.26 -17.55
C GLN C 160 28.05 -21.02 -17.68
N PHE C 161 26.85 -21.09 -17.08
CA PHE C 161 25.90 -19.99 -17.11
C PHE C 161 25.56 -19.53 -15.70
N ILE C 162 25.36 -18.24 -15.51
CA ILE C 162 25.00 -17.75 -14.21
C ILE C 162 23.90 -16.75 -14.42
N PHE C 163 22.69 -17.09 -14.01
CA PHE C 163 21.57 -16.16 -14.18
C PHE C 163 21.37 -15.30 -12.94
N GLY C 164 22.08 -14.17 -12.90
CA GLY C 164 22.01 -13.26 -11.78
C GLY C 164 20.60 -13.03 -11.35
N PRO C 165 20.37 -12.46 -10.14
CA PRO C 165 19.05 -12.17 -9.57
C PRO C 165 18.21 -11.27 -10.44
N LEU C 166 16.93 -11.55 -10.52
CA LEU C 166 16.05 -10.73 -11.32
C LEU C 166 16.14 -9.30 -10.84
N SER C 167 16.22 -8.35 -11.77
CA SER C 167 16.33 -6.93 -11.41
C SER C 167 15.39 -6.51 -10.29
N SER C 168 14.09 -6.74 -10.44
CA SER C 168 13.16 -6.36 -9.40
C SER C 168 12.02 -7.34 -9.26
N ALA C 169 11.12 -7.08 -8.32
CA ALA C 169 9.99 -7.96 -8.12
C ALA C 169 8.73 -7.14 -7.92
N TRP C 170 8.11 -6.80 -9.04
CA TRP C 170 6.88 -6.01 -9.06
C TRP C 170 5.69 -6.87 -8.77
N THR C 171 4.75 -6.33 -8.00
CA THR C 171 3.56 -7.07 -7.63
C THR C 171 2.32 -6.25 -7.88
N PRO C 172 1.30 -6.86 -8.47
CA PRO C 172 0.04 -6.19 -8.76
C PRO C 172 -0.91 -6.29 -7.57
N PHE C 173 -0.46 -6.98 -6.52
CA PHE C 173 -1.26 -7.17 -5.31
C PHE C 173 -0.95 -6.12 -4.27
N ASP C 174 -1.98 -5.50 -3.70
CA ASP C 174 -1.77 -4.50 -2.65
C ASP C 174 -1.45 -5.20 -1.35
N ASN C 175 -1.38 -4.45 -0.26
CA ASN C 175 -1.04 -5.11 1.00
C ASN C 175 -2.26 -5.64 1.68
N LYS C 176 -3.41 -5.40 1.09
CA LYS C 176 -4.65 -5.89 1.66
C LYS C 176 -5.52 -6.30 0.51
N ILE C 177 -5.78 -7.61 0.39
CA ILE C 177 -6.62 -8.11 -0.68
C ILE C 177 -7.76 -8.95 -0.13
N VAL C 178 -8.66 -9.34 -1.04
CA VAL C 178 -9.81 -10.17 -0.68
C VAL C 178 -10.02 -11.19 -1.75
N VAL C 179 -9.96 -12.46 -1.35
CA VAL C 179 -10.16 -13.56 -2.28
C VAL C 179 -11.54 -14.16 -2.09
N TYR C 180 -12.32 -14.17 -3.17
CA TYR C 180 -13.66 -14.71 -3.11
C TYR C 180 -13.70 -16.10 -3.65
N LYS C 181 -13.95 -16.25 -4.94
CA LYS C 181 -14.00 -17.61 -5.42
C LYS C 181 -12.72 -17.87 -6.20
N ASP C 182 -12.77 -17.48 -7.46
CA ASP C 182 -11.66 -17.61 -8.38
C ASP C 182 -11.22 -16.17 -8.67
N GLU C 183 -11.86 -15.22 -7.98
CA GLU C 183 -11.58 -13.80 -8.14
C GLU C 183 -10.69 -13.25 -7.00
N VAL C 184 -9.95 -12.19 -7.29
CA VAL C 184 -9.10 -11.56 -6.30
C VAL C 184 -9.32 -10.06 -6.42
N PHE C 185 -9.46 -9.40 -5.28
CA PHE C 185 -9.70 -7.97 -5.27
C PHE C 185 -8.72 -7.24 -4.42
N ASN C 186 -8.46 -6.00 -4.79
CA ASN C 186 -7.57 -5.18 -4.00
C ASN C 186 -8.47 -4.28 -3.13
N GLN C 187 -8.96 -4.75 -1.99
CA GLN C 187 -9.82 -3.89 -1.17
C GLN C 187 -9.26 -3.50 0.20
N ASP C 188 -9.36 -2.22 0.62
CA ASP C 188 -8.88 -1.76 1.94
C ASP C 188 -9.97 -2.19 2.93
N PHE C 189 -10.35 -3.48 2.88
CA PHE C 189 -11.39 -4.06 3.75
C PHE C 189 -11.28 -3.64 5.18
N PRO C 190 -12.40 -3.26 5.80
CA PRO C 190 -12.31 -2.84 7.19
C PRO C 190 -11.58 -3.86 8.07
N PRO C 191 -10.87 -3.40 9.10
CA PRO C 191 -10.13 -4.27 10.00
C PRO C 191 -11.02 -5.31 10.63
N TYR C 192 -10.44 -6.12 11.52
CA TYR C 192 -11.22 -7.16 12.15
C TYR C 192 -12.43 -6.64 12.90
N GLY C 193 -12.28 -6.30 14.17
CA GLY C 193 -13.43 -5.83 14.92
C GLY C 193 -13.80 -4.44 14.54
N SER C 194 -14.14 -4.21 13.29
CA SER C 194 -14.48 -2.85 12.91
C SER C 194 -15.49 -2.81 11.80
N GLY C 195 -16.11 -3.95 11.58
CA GLY C 195 -17.11 -4.07 10.54
C GLY C 195 -18.28 -3.14 10.76
N GLN C 196 -18.93 -2.76 9.68
CA GLN C 196 -20.09 -1.88 9.71
C GLN C 196 -21.30 -2.58 9.09
N PRO C 197 -22.50 -2.26 9.57
CA PRO C 197 -23.71 -2.89 9.02
C PRO C 197 -23.94 -2.55 7.54
N GLY C 198 -24.57 -3.50 6.83
CA GLY C 198 -24.86 -3.33 5.42
C GLY C 198 -23.66 -3.05 4.55
N ARG C 199 -22.49 -3.48 4.99
CA ARG C 199 -21.28 -3.22 4.24
C ARG C 199 -20.39 -4.44 4.37
N PHE C 200 -19.47 -4.62 3.44
CA PHE C 200 -18.58 -5.76 3.51
C PHE C 200 -18.02 -5.85 4.92
N GLY C 201 -17.97 -7.06 5.45
CA GLY C 201 -17.45 -7.25 6.79
C GLY C 201 -18.52 -7.10 7.85
N ASP C 202 -19.78 -7.20 7.40
CA ASP C 202 -20.93 -7.11 8.29
C ASP C 202 -20.64 -7.93 9.54
N ILE C 203 -20.26 -9.16 9.31
CA ILE C 203 -19.91 -10.02 10.40
C ILE C 203 -18.48 -10.39 10.05
N GLN C 204 -17.72 -10.83 11.05
CA GLN C 204 -16.33 -11.20 10.83
C GLN C 204 -15.85 -12.27 11.79
N SER C 205 -15.06 -13.20 11.26
CA SER C 205 -14.48 -14.26 12.08
C SER C 205 -13.20 -14.72 11.42
N ARG C 206 -12.24 -15.15 12.22
CA ARG C 206 -10.97 -15.57 11.66
C ARG C 206 -11.17 -16.61 10.60
N THR C 207 -11.92 -17.65 10.94
CA THR C 207 -12.16 -18.70 9.95
C THR C 207 -13.61 -19.10 10.02
N VAL C 208 -14.04 -19.93 9.07
CA VAL C 208 -15.42 -20.38 9.06
C VAL C 208 -15.78 -21.15 10.32
N GLU C 209 -14.91 -22.06 10.75
CA GLU C 209 -15.11 -22.90 11.95
C GLU C 209 -14.66 -22.14 13.22
N SER C 210 -14.19 -20.91 13.03
CA SER C 210 -13.72 -20.06 14.12
C SER C 210 -14.75 -19.91 15.24
N ASN C 211 -14.32 -19.31 16.33
CA ASN C 211 -15.21 -19.12 17.44
C ASN C 211 -15.01 -17.74 18.00
N ASP C 212 -14.78 -16.78 17.12
CA ASP C 212 -14.59 -15.39 17.53
C ASP C 212 -15.52 -14.52 16.71
N LEU C 213 -16.69 -15.05 16.38
CA LEU C 213 -17.60 -14.28 15.56
C LEU C 213 -17.87 -12.88 16.07
N TYR C 214 -17.70 -11.92 15.17
CA TYR C 214 -17.98 -10.53 15.48
C TYR C 214 -19.01 -10.05 14.47
N ALA C 215 -19.98 -9.27 14.95
CA ALA C 215 -21.00 -8.78 14.05
C ALA C 215 -21.40 -7.39 14.48
N ASN C 216 -22.07 -6.69 13.57
CA ASN C 216 -22.53 -5.34 13.80
C ASN C 216 -23.58 -5.07 12.73
N THR C 217 -24.69 -5.78 12.83
CA THR C 217 -25.76 -5.67 11.85
C THR C 217 -26.81 -4.62 12.21
N ALA C 218 -26.59 -3.92 13.32
CA ALA C 218 -27.55 -2.90 13.73
C ALA C 218 -28.87 -3.58 14.05
N LEU C 219 -28.78 -4.62 14.86
CA LEU C 219 -29.93 -5.36 15.29
C LEU C 219 -30.65 -4.48 16.30
N LYS C 220 -31.91 -4.14 16.03
CA LYS C 220 -32.69 -3.31 16.97
C LYS C 220 -34.00 -4.01 17.37
N LEU C 221 -34.19 -4.18 18.69
CA LEU C 221 -35.39 -4.82 19.23
C LEU C 221 -36.58 -3.87 19.25
N ALA C 222 -37.66 -4.32 18.62
CA ALA C 222 -38.89 -3.56 18.53
C ALA C 222 -39.90 -4.12 19.54
N ARG C 223 -40.84 -3.26 19.97
CA ARG C 223 -41.89 -3.60 20.94
C ARG C 223 -42.95 -4.47 20.30
N PRO C 224 -43.34 -5.54 21.00
CA PRO C 224 -44.35 -6.47 20.46
C PRO C 224 -45.68 -5.82 20.04
N SER C 225 -46.27 -6.43 19.02
CA SER C 225 -47.53 -5.96 18.46
C SER C 225 -48.68 -6.83 19.00
N PRO C 226 -49.67 -6.21 19.67
CA PRO C 226 -50.82 -6.98 20.21
C PRO C 226 -51.32 -8.09 19.27
N GLY C 227 -51.64 -9.25 19.86
CA GLY C 227 -52.14 -10.39 19.08
C GLY C 227 -51.50 -11.74 19.41
N MET C 228 -50.48 -12.11 18.63
CA MET C 228 -49.75 -13.36 18.83
C MET C 228 -48.33 -12.96 19.24
N VAL C 229 -47.92 -13.24 20.48
CA VAL C 229 -46.55 -12.87 20.89
C VAL C 229 -45.46 -13.44 19.97
N HIS C 230 -44.55 -12.55 19.60
CA HIS C 230 -43.41 -12.84 18.71
C HIS C 230 -42.31 -11.82 18.99
N VAL C 231 -41.21 -11.86 18.25
CA VAL C 231 -40.15 -10.90 18.51
C VAL C 231 -39.84 -10.02 17.31
N PRO C 232 -40.33 -8.78 17.34
CA PRO C 232 -40.12 -7.81 16.27
C PRO C 232 -38.76 -7.15 16.46
N TYR C 233 -38.15 -6.80 15.34
CA TYR C 233 -36.84 -6.15 15.32
C TYR C 233 -36.47 -5.62 13.95
N THR C 234 -35.56 -4.65 13.93
CA THR C 234 -35.05 -4.07 12.69
C THR C 234 -33.59 -4.44 12.52
N GLN C 235 -33.19 -4.64 11.27
CA GLN C 235 -31.81 -4.98 10.99
C GLN C 235 -31.29 -4.27 9.75
N THR C 236 -30.36 -4.90 9.06
CA THR C 236 -29.79 -4.30 7.88
C THR C 236 -29.36 -5.47 7.01
N PRO C 237 -30.04 -5.66 5.88
CA PRO C 237 -29.72 -6.76 4.97
C PRO C 237 -28.23 -7.06 4.83
N SER C 238 -27.89 -8.36 4.86
CA SER C 238 -26.51 -8.83 4.75
C SER C 238 -25.59 -7.98 3.90
N GLY C 239 -24.65 -7.30 4.57
CA GLY C 239 -23.72 -6.47 3.84
C GLY C 239 -23.06 -7.32 2.79
N PHE C 240 -22.78 -8.57 3.12
CA PHE C 240 -22.14 -9.46 2.19
C PHE C 240 -22.87 -9.50 0.87
N LYS C 241 -24.19 -9.62 0.94
CA LYS C 241 -24.97 -9.64 -0.28
C LYS C 241 -24.74 -8.32 -0.99
N TYR C 242 -24.81 -7.21 -0.25
CA TYR C 242 -24.59 -5.92 -0.86
C TYR C 242 -23.25 -5.87 -1.58
N TRP C 243 -22.20 -6.36 -0.93
CA TRP C 243 -20.87 -6.34 -1.51
C TRP C 243 -20.85 -7.05 -2.85
N LEU C 244 -21.52 -8.19 -2.92
CA LEU C 244 -21.58 -8.94 -4.15
C LEU C 244 -21.98 -8.05 -5.32
N LYS C 245 -22.98 -7.21 -5.14
CA LYS C 245 -23.42 -6.34 -6.22
C LYS C 245 -22.46 -5.15 -6.44
N GLU C 246 -21.90 -4.65 -5.34
CA GLU C 246 -20.99 -3.52 -5.40
C GLU C 246 -19.63 -3.81 -6.02
N LYS C 247 -18.79 -4.53 -5.30
CA LYS C 247 -17.44 -4.93 -5.72
C LYS C 247 -17.29 -4.96 -7.23
N GLY C 248 -16.53 -4.03 -7.77
CA GLY C 248 -16.39 -4.00 -9.21
C GLY C 248 -15.83 -5.25 -9.83
N THR C 249 -15.04 -5.02 -10.87
CA THR C 249 -14.37 -6.07 -11.59
C THR C 249 -13.20 -6.51 -10.74
N ALA C 250 -12.78 -7.75 -10.94
CA ALA C 250 -11.65 -8.26 -10.17
C ALA C 250 -10.30 -7.85 -10.76
N LEU C 251 -9.24 -8.10 -10.00
CA LEU C 251 -7.92 -7.78 -10.45
C LEU C 251 -7.62 -8.67 -11.64
N ASN C 252 -8.20 -9.86 -11.61
CA ASN C 252 -8.01 -10.85 -12.67
C ASN C 252 -7.96 -10.29 -14.07
N THR C 253 -8.59 -9.15 -14.29
CA THR C 253 -8.57 -8.54 -15.60
C THR C 253 -8.19 -7.07 -15.60
N LYS C 254 -7.64 -6.61 -14.50
CA LYS C 254 -7.25 -5.23 -14.45
C LYS C 254 -5.77 -5.17 -14.11
N ALA C 255 -5.15 -6.33 -14.04
CA ALA C 255 -3.74 -6.40 -13.71
C ALA C 255 -2.88 -5.73 -14.77
N PRO C 256 -2.06 -4.77 -14.37
CA PRO C 256 -1.17 -4.03 -15.27
C PRO C 256 -0.05 -4.90 -15.78
N PHE C 257 0.76 -4.32 -16.65
CA PHE C 257 1.91 -5.00 -17.22
C PHE C 257 1.66 -6.41 -17.71
N GLY C 258 0.47 -6.66 -18.26
CA GLY C 258 0.14 -7.98 -18.79
C GLY C 258 0.15 -9.10 -17.78
N CYS C 259 0.25 -8.72 -16.52
CA CYS C 259 0.28 -9.66 -15.43
C CYS C 259 -1.02 -10.49 -15.43
N GLN C 260 -0.94 -11.79 -15.17
CA GLN C 260 -2.10 -12.69 -15.16
C GLN C 260 -2.35 -13.21 -13.75
N ILE C 261 -3.56 -13.07 -13.23
CA ILE C 261 -3.83 -13.54 -11.86
C ILE C 261 -4.31 -14.97 -11.77
N LYS C 262 -3.93 -15.69 -10.74
CA LYS C 262 -4.42 -17.05 -10.59
C LYS C 262 -4.91 -17.23 -9.17
N THR C 263 -5.78 -18.20 -8.93
CA THR C 263 -6.36 -18.31 -7.60
C THR C 263 -6.03 -19.39 -6.60
N ASN C 264 -5.74 -20.60 -7.05
CA ASN C 264 -5.52 -21.61 -6.04
C ASN C 264 -4.42 -21.22 -5.08
N PRO C 265 -3.18 -21.18 -5.54
CA PRO C 265 -2.17 -20.79 -4.57
C PRO C 265 -2.11 -19.28 -4.47
N VAL C 266 -2.77 -18.57 -5.40
CA VAL C 266 -2.80 -17.11 -5.39
C VAL C 266 -1.51 -16.47 -5.78
N ARG C 267 -1.38 -16.14 -7.05
CA ARG C 267 -0.15 -15.54 -7.51
C ARG C 267 -0.35 -14.76 -8.79
N ALA C 268 0.69 -14.06 -9.20
CA ALA C 268 0.63 -13.28 -10.41
C ALA C 268 1.59 -13.93 -11.40
N MET C 269 1.13 -14.18 -12.62
CA MET C 269 1.98 -14.82 -13.61
C MET C 269 2.43 -13.92 -14.74
N ASN C 270 3.55 -14.30 -15.37
CA ASN C 270 4.13 -13.59 -16.51
C ASN C 270 4.17 -12.09 -16.45
N CYS C 271 4.17 -11.58 -15.23
CA CYS C 271 4.26 -10.16 -14.98
C CYS C 271 5.49 -9.64 -15.72
N ALA C 272 5.29 -8.69 -16.62
CA ALA C 272 6.39 -8.19 -17.44
C ALA C 272 7.12 -6.95 -16.97
N VAL C 273 7.99 -7.10 -15.98
CA VAL C 273 8.71 -5.97 -15.46
C VAL C 273 10.12 -6.36 -15.08
N GLY C 274 11.11 -5.71 -15.66
CA GLY C 274 12.47 -6.03 -15.29
C GLY C 274 13.36 -6.69 -16.31
N ASN C 275 14.49 -7.18 -15.85
CA ASN C 275 15.42 -7.86 -16.71
C ASN C 275 16.13 -8.98 -15.96
N ILE C 276 16.71 -9.90 -16.70
CA ILE C 276 17.40 -11.03 -16.12
C ILE C 276 18.80 -11.06 -16.71
N PRO C 277 19.81 -10.77 -15.89
CA PRO C 277 21.21 -10.76 -16.30
C PRO C 277 21.84 -12.15 -16.32
N VAL C 278 22.69 -12.40 -17.31
CA VAL C 278 23.34 -13.71 -17.43
C VAL C 278 24.83 -13.53 -17.74
N SER C 279 25.60 -14.61 -17.68
CA SER C 279 27.01 -14.51 -17.99
C SER C 279 27.53 -15.90 -18.31
N MET C 280 28.52 -15.99 -19.21
CA MET C 280 29.09 -17.28 -19.63
C MET C 280 30.61 -17.23 -19.80
N ASN C 281 31.19 -18.33 -20.28
CA ASN C 281 32.64 -18.47 -20.52
C ASN C 281 32.94 -18.24 -21.99
N LEU C 282 32.83 -17.00 -22.43
CA LEU C 282 33.04 -16.69 -23.83
C LEU C 282 33.37 -15.21 -23.99
N PRO C 283 34.33 -14.89 -24.86
CA PRO C 283 34.70 -13.48 -25.09
C PRO C 283 33.58 -12.68 -25.80
N ASP C 284 33.48 -11.38 -25.52
CA ASP C 284 32.45 -10.53 -26.13
C ASP C 284 32.72 -10.48 -27.63
N SER C 285 33.80 -11.16 -28.02
CA SER C 285 34.25 -11.26 -29.41
C SER C 285 33.44 -12.33 -30.17
N ALA C 286 33.33 -13.51 -29.58
CA ALA C 286 32.58 -14.56 -30.23
C ALA C 286 31.09 -14.21 -30.22
N PHE C 287 30.66 -13.34 -29.32
CA PHE C 287 29.24 -12.97 -29.21
C PHE C 287 28.77 -11.92 -30.23
N THR C 288 27.54 -12.09 -30.72
CA THR C 288 27.00 -11.16 -31.71
C THR C 288 25.50 -11.29 -31.64
N ARG C 289 24.80 -10.28 -31.15
CA ARG C 289 23.37 -10.43 -31.05
C ARG C 289 22.61 -10.31 -32.35
N ILE C 290 21.51 -11.06 -32.39
CA ILE C 290 20.60 -11.14 -33.51
C ILE C 290 19.24 -10.56 -33.13
N VAL C 291 18.71 -9.66 -33.95
CA VAL C 291 17.42 -9.05 -33.67
C VAL C 291 16.54 -9.06 -34.90
N GLU C 292 15.77 -10.12 -35.05
CA GLU C 292 14.89 -10.25 -36.21
C GLU C 292 13.41 -10.12 -35.82
N ALA C 293 12.90 -8.90 -35.97
CA ALA C 293 11.53 -8.63 -35.63
C ALA C 293 10.66 -8.50 -36.84
N PRO C 294 9.40 -8.92 -36.69
CA PRO C 294 8.44 -8.85 -37.79
C PRO C 294 8.21 -7.42 -38.26
N THR C 295 8.54 -7.13 -39.51
CA THR C 295 8.35 -5.79 -40.02
C THR C 295 6.88 -5.52 -40.38
N ILE C 296 6.28 -4.53 -39.73
CA ILE C 296 4.87 -4.25 -40.04
C ILE C 296 4.65 -2.83 -40.54
N ILE C 297 3.64 -2.68 -41.41
CA ILE C 297 3.29 -1.38 -41.99
C ILE C 297 1.80 -1.22 -42.17
N ASP C 298 1.40 0.02 -42.47
CA ASP C 298 0.00 0.38 -42.66
C ASP C 298 -0.73 0.20 -41.35
N LEU C 299 -0.18 0.78 -40.29
CA LEU C 299 -0.79 0.65 -38.99
C LEU C 299 -2.05 1.49 -38.90
N THR C 300 -3.04 0.98 -38.17
CA THR C 300 -4.28 1.73 -38.00
C THR C 300 -4.99 1.44 -36.69
N CYS C 301 -5.21 2.50 -35.93
CA CYS C 301 -5.88 2.39 -34.63
C CYS C 301 -7.37 2.67 -34.71
N THR C 302 -8.14 1.94 -33.92
CA THR C 302 -9.59 2.10 -33.92
C THR C 302 -10.16 1.77 -32.55
N VAL C 303 -10.60 2.78 -31.84
CA VAL C 303 -11.15 2.53 -30.50
C VAL C 303 -12.63 2.21 -30.51
N ALA C 304 -12.98 0.99 -30.10
CA ALA C 304 -14.39 0.59 -30.07
C ALA C 304 -15.11 1.29 -28.92
N THR C 305 -14.99 0.69 -27.75
CA THR C 305 -15.61 1.25 -26.56
C THR C 305 -14.52 1.73 -25.65
N CYS C 306 -14.89 2.70 -24.81
CA CYS C 306 -13.99 3.30 -23.84
C CYS C 306 -14.69 3.95 -22.65
N THR C 307 -14.22 3.60 -21.46
CA THR C 307 -14.76 4.16 -20.24
C THR C 307 -13.72 5.03 -19.56
N HIS C 308 -14.19 6.18 -19.11
CA HIS C 308 -13.41 7.23 -18.45
C HIS C 308 -12.32 6.78 -17.49
N SER C 309 -12.44 7.21 -16.22
CA SER C 309 -11.46 6.91 -15.20
C SER C 309 -11.67 5.53 -14.53
N SER C 310 -11.28 4.48 -15.23
CA SER C 310 -11.43 3.11 -14.72
C SER C 310 -10.34 2.20 -15.31
N ASP C 311 -9.67 1.45 -14.44
CA ASP C 311 -8.60 0.55 -14.83
C ASP C 311 -8.87 -0.17 -16.16
N PHE C 312 -8.18 0.33 -17.19
CA PHE C 312 -8.25 -0.19 -18.55
C PHE C 312 -9.68 -0.33 -19.07
N GLY C 313 -10.37 0.80 -19.18
CA GLY C 313 -11.74 0.80 -19.64
C GLY C 313 -11.88 0.96 -21.12
N GLY C 314 -10.76 1.10 -21.81
CA GLY C 314 -10.81 1.26 -23.25
C GLY C 314 -10.33 0.04 -23.99
N VAL C 315 -10.71 -0.04 -25.25
CA VAL C 315 -10.34 -1.16 -26.09
C VAL C 315 -9.92 -0.72 -27.50
N LEU C 316 -8.63 -0.83 -27.78
CA LEU C 316 -8.08 -0.45 -29.08
C LEU C 316 -7.97 -1.65 -29.98
N THR C 317 -8.01 -1.40 -31.27
CA THR C 317 -7.89 -2.49 -32.22
C THR C 317 -7.01 -2.03 -33.36
N LEU C 318 -5.92 -2.74 -33.56
CA LEU C 318 -5.01 -2.34 -34.60
C LEU C 318 -5.08 -3.19 -35.84
N THR C 319 -5.21 -2.55 -36.99
CA THR C 319 -5.24 -3.29 -38.25
C THR C 319 -3.87 -3.06 -38.86
N TYR C 320 -3.39 -4.01 -39.65
CA TYR C 320 -2.06 -3.85 -40.22
C TYR C 320 -1.70 -4.90 -41.26
N LYS C 321 -0.43 -4.86 -41.66
CA LYS C 321 0.12 -5.81 -42.62
C LYS C 321 1.50 -6.22 -42.15
N THR C 322 1.72 -7.52 -42.07
CA THR C 322 3.00 -8.04 -41.64
C THR C 322 3.68 -8.79 -42.78
N ASN C 323 4.98 -9.02 -42.61
CA ASN C 323 5.76 -9.75 -43.60
C ASN C 323 5.99 -11.19 -43.10
N LYS C 324 5.95 -11.38 -41.77
CA LYS C 324 6.16 -12.70 -41.18
C LYS C 324 5.41 -12.80 -39.86
N ASN C 325 4.60 -13.85 -39.66
CA ASN C 325 3.86 -13.99 -38.38
C ASN C 325 4.90 -14.07 -37.26
N GLY C 326 4.69 -13.28 -36.21
CA GLY C 326 5.63 -13.28 -35.10
C GLY C 326 5.05 -12.82 -33.76
N ASP C 327 5.85 -12.06 -33.00
CA ASP C 327 5.45 -11.56 -31.69
C ASP C 327 6.06 -10.17 -31.45
N CYS C 328 5.22 -9.14 -31.50
CA CYS C 328 5.69 -7.76 -31.31
C CYS C 328 5.43 -7.16 -29.95
N SER C 329 6.04 -6.00 -29.73
CA SER C 329 5.90 -5.31 -28.47
C SER C 329 5.00 -4.11 -28.67
N VAL C 330 4.14 -3.85 -27.69
CA VAL C 330 3.22 -2.73 -27.78
C VAL C 330 3.52 -1.68 -26.73
N HIS C 331 3.45 -0.43 -27.16
CA HIS C 331 3.75 0.68 -26.28
C HIS C 331 2.90 1.90 -26.55
N SER C 332 2.90 2.83 -25.61
CA SER C 332 2.16 4.07 -25.74
C SER C 332 3.13 5.23 -25.54
N HIS C 333 3.21 6.11 -26.52
CA HIS C 333 4.12 7.23 -26.41
C HIS C 333 3.46 8.51 -25.91
N SER C 334 2.34 8.35 -25.24
CA SER C 334 1.62 9.50 -24.70
C SER C 334 1.17 9.22 -23.28
N ASN C 335 1.74 9.96 -22.34
CA ASN C 335 1.39 9.75 -20.93
C ASN C 335 -0.11 9.81 -20.63
N VAL C 336 -0.89 10.26 -21.61
CA VAL C 336 -2.31 10.37 -21.38
C VAL C 336 -3.03 9.05 -21.53
N ALA C 337 -2.30 8.02 -21.92
CA ALA C 337 -2.89 6.70 -22.09
C ALA C 337 -1.88 5.59 -21.79
N THR C 338 -2.36 4.53 -21.15
CA THR C 338 -1.51 3.42 -20.77
C THR C 338 -2.07 2.11 -21.29
N LEU C 339 -1.17 1.24 -21.76
CA LEU C 339 -1.53 -0.06 -22.30
C LEU C 339 -1.43 -1.16 -21.27
N GLN C 340 -2.43 -2.03 -21.21
CA GLN C 340 -2.40 -3.13 -20.26
C GLN C 340 -1.33 -4.14 -20.63
N GLU C 341 -1.53 -4.86 -21.73
CA GLU C 341 -0.56 -5.84 -22.18
C GLU C 341 0.72 -5.16 -22.63
N ALA C 342 1.82 -5.91 -22.67
CA ALA C 342 3.06 -5.30 -23.08
C ALA C 342 3.59 -5.99 -24.31
N THR C 343 2.75 -6.81 -24.91
CA THR C 343 3.14 -7.54 -26.08
C THR C 343 1.91 -8.11 -26.75
N ALA C 344 2.05 -8.46 -28.03
CA ALA C 344 0.95 -9.03 -28.78
C ALA C 344 1.47 -9.83 -29.95
N LYS C 345 0.82 -10.97 -30.22
CA LYS C 345 1.27 -11.80 -31.34
C LYS C 345 0.79 -11.21 -32.67
N VAL C 346 1.70 -11.17 -33.62
CA VAL C 346 1.35 -10.62 -34.92
C VAL C 346 1.12 -11.69 -35.97
N LYS C 347 -0.15 -11.89 -36.29
CA LYS C 347 -0.59 -12.87 -37.28
C LYS C 347 -0.80 -12.14 -38.61
N THR C 348 -0.69 -12.89 -39.70
CA THR C 348 -0.87 -12.34 -41.06
C THR C 348 -2.31 -11.93 -41.33
N ALA C 349 -3.19 -12.31 -40.41
CA ALA C 349 -4.60 -11.98 -40.50
C ALA C 349 -4.72 -10.44 -40.48
N GLY C 350 -3.99 -9.79 -39.55
CA GLY C 350 -4.00 -8.34 -39.44
C GLY C 350 -4.86 -7.72 -38.34
N LYS C 351 -5.20 -8.51 -37.33
CA LYS C 351 -6.05 -8.06 -36.20
C LYS C 351 -5.42 -8.21 -34.83
N VAL C 352 -5.27 -7.08 -34.12
CA VAL C 352 -4.70 -7.07 -32.78
C VAL C 352 -5.54 -6.23 -31.86
N THR C 353 -5.96 -6.82 -30.75
CA THR C 353 -6.79 -6.13 -29.76
C THR C 353 -6.00 -5.82 -28.49
N LEU C 354 -6.08 -4.58 -28.01
CA LEU C 354 -5.38 -4.16 -26.81
C LEU C 354 -6.30 -3.39 -25.91
N HIS C 355 -6.03 -3.46 -24.61
CA HIS C 355 -6.82 -2.72 -23.64
C HIS C 355 -5.98 -1.55 -23.18
N PHE C 356 -6.55 -0.36 -23.21
CA PHE C 356 -5.80 0.80 -22.76
C PHE C 356 -6.53 1.49 -21.61
N SER C 357 -5.87 2.44 -20.97
CA SER C 357 -6.50 3.14 -19.86
C SER C 357 -6.12 4.61 -19.82
N THR C 358 -7.09 5.44 -19.51
CA THR C 358 -6.82 6.85 -19.44
C THR C 358 -7.86 7.48 -18.59
N ALA C 359 -7.56 8.67 -18.10
CA ALA C 359 -8.52 9.33 -17.25
C ALA C 359 -9.04 10.58 -17.90
N SER C 360 -8.80 10.69 -19.20
CA SER C 360 -9.22 11.86 -19.93
C SER C 360 -10.23 11.57 -20.99
N ALA C 361 -11.48 11.98 -20.78
CA ALA C 361 -12.51 11.76 -21.79
C ALA C 361 -12.00 12.45 -23.06
N SER C 362 -12.04 11.78 -24.20
CA SER C 362 -11.57 12.40 -25.45
C SER C 362 -10.04 12.61 -25.50
N PRO C 363 -9.27 11.53 -25.35
CA PRO C 363 -7.80 11.49 -25.35
C PRO C 363 -7.25 11.21 -26.73
N SER C 364 -6.01 11.63 -26.97
CA SER C 364 -5.41 11.36 -28.27
C SER C 364 -3.98 10.86 -28.14
N PHE C 365 -3.84 9.55 -28.04
CA PHE C 365 -2.54 8.93 -27.88
C PHE C 365 -2.04 8.21 -29.10
N VAL C 366 -0.78 7.79 -29.04
CA VAL C 366 -0.15 7.07 -30.14
C VAL C 366 0.38 5.73 -29.69
N VAL C 367 -0.27 4.67 -30.13
CA VAL C 367 0.13 3.32 -29.80
C VAL C 367 1.21 2.87 -30.74
N SER C 368 1.93 1.81 -30.38
CA SER C 368 2.98 1.31 -31.26
C SER C 368 3.00 -0.22 -31.34
N LEU C 369 3.34 -0.71 -32.53
CA LEU C 369 3.41 -2.13 -32.75
C LEU C 369 4.78 -2.39 -33.36
N CYS C 370 5.72 -2.77 -32.50
CA CYS C 370 7.08 -3.01 -32.91
C CYS C 370 7.64 -1.66 -33.28
N SER C 371 8.01 -1.48 -34.55
CA SER C 371 8.58 -0.22 -34.98
C SER C 371 7.60 0.71 -35.65
N ALA C 372 6.34 0.29 -35.74
CA ALA C 372 5.33 1.10 -36.42
C ALA C 372 4.48 1.89 -35.46
N ARG C 373 4.10 3.12 -35.83
CA ARG C 373 3.26 3.92 -34.94
C ARG C 373 1.93 4.26 -35.58
N ALA C 374 0.97 4.63 -34.75
CA ALA C 374 -0.35 5.02 -35.24
C ALA C 374 -1.08 5.80 -34.17
N THR C 375 -1.91 6.74 -34.59
CA THR C 375 -2.65 7.57 -33.66
C THR C 375 -4.02 6.98 -33.31
N CYS C 376 -4.48 7.25 -32.09
CA CYS C 376 -5.77 6.78 -31.65
C CYS C 376 -6.54 7.95 -31.10
N SER C 377 -7.75 8.10 -31.58
CA SER C 377 -8.59 9.18 -31.12
C SER C 377 -9.92 8.59 -30.72
N ALA C 378 -10.37 8.89 -29.51
CA ALA C 378 -11.65 8.34 -29.05
C ALA C 378 -12.32 9.23 -28.01
N SER C 379 -13.60 9.02 -27.79
CA SER C 379 -14.33 9.77 -26.77
C SER C 379 -14.91 8.77 -25.78
N CYS C 380 -14.53 8.91 -24.50
CA CYS C 380 -14.96 7.98 -23.44
C CYS C 380 -16.09 8.49 -22.55
N GLU C 381 -16.86 7.55 -21.99
CA GLU C 381 -17.96 7.90 -21.10
C GLU C 381 -17.49 7.72 -19.64
N PRO C 382 -17.96 8.57 -18.71
CA PRO C 382 -17.59 8.50 -17.30
C PRO C 382 -17.97 7.15 -16.72
N PRO C 383 -17.34 6.76 -15.60
CA PRO C 383 -17.58 5.50 -14.91
C PRO C 383 -19.01 5.29 -14.44
N LYS C 384 -19.41 4.03 -14.41
CA LYS C 384 -20.74 3.66 -13.97
C LYS C 384 -21.11 4.25 -12.60
N ASP C 385 -22.41 4.41 -12.35
CA ASP C 385 -22.87 4.90 -11.06
C ASP C 385 -22.67 3.80 -10.02
N HIS C 386 -22.40 4.18 -8.79
CA HIS C 386 -22.23 3.21 -7.73
C HIS C 386 -23.58 2.61 -7.37
N ILE C 387 -23.58 1.69 -6.40
CA ILE C 387 -24.84 1.08 -5.98
C ILE C 387 -25.13 1.55 -4.58
N VAL C 388 -25.81 2.69 -4.47
CA VAL C 388 -26.17 3.25 -3.17
C VAL C 388 -26.70 2.18 -2.25
N PRO C 389 -26.18 2.13 -1.02
CA PRO C 389 -26.58 1.16 -0.01
C PRO C 389 -27.88 1.57 0.71
N TYR C 390 -28.19 0.86 1.79
CA TYR C 390 -29.40 1.15 2.53
C TYR C 390 -29.44 2.64 2.93
N ALA C 391 -30.22 3.42 2.16
CA ALA C 391 -30.41 4.87 2.40
C ALA C 391 -31.39 5.16 3.59
C1 NAG D . 40.24 -9.03 3.29
C2 NAG D . 41.28 -8.84 4.37
C3 NAG D . 41.73 -10.19 4.90
C4 NAG D . 40.49 -10.96 5.38
C5 NAG D . 39.41 -11.00 4.29
C6 NAG D . 38.10 -11.66 4.69
C7 NAG D . 42.86 -7.13 4.48
C8 NAG D . 44.28 -7.25 5.00
N2 NAG D . 42.41 -8.16 3.81
O3 NAG D . 42.66 -9.99 5.96
O4 NAG D . 40.85 -12.31 5.75
O5 NAG D . 39.10 -9.67 3.87
O6 NAG D . 37.27 -10.74 5.42
O7 NAG D . 42.20 -6.13 4.71
C1 NAG D . 40.36 -12.69 6.99
C2 NAG D . 39.80 -14.10 6.93
C3 NAG D . 39.17 -14.38 8.30
C4 NAG D . 40.18 -14.15 9.45
C5 NAG D . 41.05 -12.87 9.29
C6 NAG D . 42.35 -13.02 10.06
C7 NAG D . 38.77 -15.27 5.08
C8 NAG D . 37.97 -16.49 5.55
N2 NAG D . 38.78 -14.21 5.89
O3 NAG D . 38.73 -15.74 8.31
O4 NAG D . 39.45 -14.06 10.69
O5 NAG D . 41.46 -12.64 7.92
O6 NAG D . 43.31 -13.75 9.29
O7 NAG D . 39.37 -15.28 3.99
C1 BMA D . 39.81 -14.99 11.68
C2 BMA D . 39.20 -14.59 13.04
C3 BMA D . 39.63 -15.65 14.10
C4 BMA D . 39.30 -17.09 13.63
C5 BMA D . 39.83 -17.32 12.17
C6 BMA D . 39.51 -18.68 11.49
O2 BMA D . 37.76 -14.51 12.96
O3 BMA D . 39.05 -15.36 15.42
O4 BMA D . 39.89 -18.04 14.52
O5 BMA D . 39.35 -16.30 11.28
O6 BMA D . 40.59 -19.10 10.64
C1 BMA D . 39.63 -14.36 16.24
C2 BMA D . 40.95 -14.82 16.95
C3 BMA D . 41.36 -13.69 17.95
C4 BMA D . 41.60 -12.39 17.15
C5 BMA D . 40.24 -12.05 16.46
C6 BMA D . 40.13 -10.73 15.67
O2 BMA D . 42.05 -15.06 15.98
O3 BMA D . 42.50 -14.06 18.72
O4 BMA D . 42.03 -11.36 18.03
O5 BMA D . 39.83 -13.12 15.57
O6 BMA D . 38.95 -10.00 16.04
C1 NAG D . 42.69 -16.30 16.10
C2 NAG D . 43.48 -16.72 14.85
C3 NAG D . 44.06 -18.14 15.10
C4 NAG D . 44.83 -18.23 16.46
C5 NAG D . 43.99 -17.59 17.62
C6 NAG D . 44.71 -17.50 18.99
C7 NAG D . 42.82 -15.87 12.66
C8 NAG D . 43.36 -16.44 11.33
N2 NAG D . 42.61 -16.72 13.68
O3 NAG D . 44.92 -18.51 14.02
O4 NAG D . 45.12 -19.59 16.79
O5 NAG D . 43.57 -16.27 17.25
O6 NAG D . 43.79 -17.49 20.08
O7 NAG D . 42.60 -14.66 12.76
C1 FUL D . 36.23 -11.37 6.11
C2 FUL D . 34.92 -11.27 5.30
O2 FUL D . 35.08 -11.92 4.04
C3 FUL D . 33.76 -11.94 6.09
O3 FUL D . 32.52 -11.87 5.38
C4 FUL D . 33.64 -11.27 7.48
O4 FUL D . 33.30 -9.87 7.33
C5 FUL D . 35.00 -11.43 8.18
C6 FUL D . 35.06 -10.85 9.58
O5 FUL D . 36.04 -10.81 7.42
C1 NDG E . 22.75 17.04 -29.33
C2 NDG E . 23.38 18.07 -30.28
C3 NDG E . 24.45 18.98 -29.63
C4 NDG E . 24.01 19.43 -28.27
C5 NDG E . 23.80 18.16 -27.48
C6 NDG E . 23.70 18.37 -25.96
C7 NDG E . 24.71 18.05 -32.30
C8 NDG E . 26.23 18.15 -32.09
O5 NDG E . 22.60 17.54 -27.99
O3 NDG E . 24.66 20.12 -30.43
O4 NDG E . 24.96 20.33 -27.65
O6 NDG E . 22.34 18.60 -25.53
O7 NDG E . 24.19 18.60 -33.27
N2 NDG E . 23.99 17.38 -31.39
C1 NAG E . 24.35 21.46 -27.10
C2 NAG E . 25.24 22.14 -26.09
C3 NAG E . 24.61 23.47 -25.56
C4 NAG E . 24.00 24.34 -26.69
C5 NAG E . 23.19 23.49 -27.68
C6 NAG E . 22.73 24.29 -28.89
C7 NAG E . 26.64 20.80 -24.67
C8 NAG E . 27.08 19.43 -25.20
N2 NAG E . 25.42 21.21 -24.98
O3 NAG E . 25.60 24.20 -24.86
O4 NAG E . 23.15 25.37 -26.15
O5 NAG E . 23.99 22.37 -28.16
O6 NAG E . 23.71 25.25 -29.30
O7 NAG E . 27.41 21.47 -23.96
C1 BMA E . 23.75 26.44 -25.49
C2 BMA E . 23.03 27.72 -25.89
C3 BMA E . 23.43 28.94 -24.99
C4 BMA E . 24.02 28.62 -23.57
C5 BMA E . 24.37 27.13 -23.26
C6 BMA E . 24.08 26.72 -21.78
O2 BMA E . 21.63 27.52 -25.85
O3 BMA E . 22.29 29.82 -24.82
O4 BMA E . 25.20 29.41 -23.37
O5 BMA E . 23.59 26.22 -24.08
O6 BMA E . 24.81 27.57 -20.84
C1 MAN E . 22.41 31.16 -25.26
C2 MAN E . 21.13 31.92 -24.84
C3 MAN E . 19.88 31.48 -25.69
C4 MAN E . 20.17 31.18 -27.20
C5 MAN E . 21.57 30.55 -27.46
C6 MAN E . 22.04 30.58 -28.94
O2 MAN E . 21.26 33.40 -24.69
O3 MAN E . 18.84 32.44 -25.57
O4 MAN E . 19.18 30.27 -27.70
O5 MAN E . 22.61 31.21 -26.68
O6 MAN E . 23.46 30.72 -29.05
C1 NAG E . 21.80 34.29 -25.64
C2 NAG E . 23.35 34.19 -25.72
C3 NAG E . 23.93 34.97 -26.97
C4 NAG E . 23.08 34.80 -28.26
C5 NAG E . 21.55 34.93 -27.97
C6 NAG E . 20.69 34.53 -29.17
C7 NAG E . 24.40 33.85 -23.54
C8 NAG E . 23.43 33.57 -22.35
N2 NAG E . 23.97 34.70 -24.49
O3 NAG E . 25.25 34.49 -27.25
O4 NAG E . 23.49 35.77 -29.25
O5 NAG E . 21.15 34.02 -26.91
O6 NAG E . 19.52 33.82 -28.76
O7 NAG E . 25.51 33.29 -23.59
C1 MAN E . 25.86 26.90 -20.14
C2 MAN E . 26.73 27.94 -19.37
C3 MAN E . 28.00 27.31 -18.69
C4 MAN E . 28.71 26.25 -19.61
C5 MAN E . 27.73 25.33 -20.41
C6 MAN E . 27.05 24.24 -19.58
O2 MAN E . 25.96 28.66 -18.40
O3 MAN E . 27.71 26.79 -17.40
O4 MAN E . 29.61 26.89 -20.53
O5 MAN E . 26.68 26.13 -21.04
O6 MAN E . 26.64 23.15 -20.41
C1 FUC E . 21.80 19.87 -25.83
C2 FUC E . 20.67 20.13 -24.81
C3 FUC E . 19.91 21.45 -25.11
C4 FUC E . 19.49 21.60 -26.62
C5 FUC E . 20.68 21.23 -27.57
C6 FUC E . 20.29 21.13 -29.01
O2 FUC E . 21.21 20.18 -23.50
O3 FUC E . 18.76 21.52 -24.25
O4 FUC E . 18.31 20.87 -26.97
O5 FUC E . 21.26 19.94 -27.19
C1 NAG F . 14.53 -26.74 -28.50
C2 NAG F . 14.50 -28.26 -28.86
C3 NAG F . 14.00 -28.46 -30.31
C4 NAG F . 12.70 -27.65 -30.60
C5 NAG F . 12.89 -26.18 -30.15
C6 NAG F . 11.64 -25.30 -30.33
C7 NAG F . 15.98 -30.15 -28.33
C8 NAG F . 15.43 -30.57 -26.95
N2 NAG F . 15.84 -28.87 -28.71
O3 NAG F . 13.78 -29.84 -30.51
O4 NAG F . 12.43 -27.67 -32.01
O5 NAG F . 13.25 -26.13 -28.75
O6 NAG F . 11.99 -23.92 -30.56
O7 NAG F . 16.55 -31.00 -29.04
C1 NAG F . 11.25 -28.26 -32.44
C2 NAG F . 10.58 -27.33 -33.47
C3 NAG F . 9.24 -28.00 -33.92
C4 NAG F . 9.52 -29.43 -34.48
C5 NAG F . 10.47 -30.28 -33.54
C6 NAG F . 11.03 -31.56 -34.21
C7 NAG F . 11.28 -25.00 -33.41
C8 NAG F . 10.66 -23.66 -33.84
N2 NAG F . 10.46 -25.96 -32.96
O3 NAG F . 8.58 -27.18 -34.91
O4 NAG F . 8.30 -30.14 -34.70
O5 NAG F . 11.61 -29.50 -33.10
O6 NAG F . 12.37 -31.38 -34.68
O7 NAG F . 12.52 -25.17 -33.50
BR BR G . -4.63 8.39 8.05
HO HO H . -7.03 1.64 4.85
HO HO I . -19.01 -7.89 25.53
P PO4 J . 10.35 -2.47 -7.74
O1 PO4 J . 11.19 -3.59 -7.17
O2 PO4 J . 11.09 -1.14 -7.60
O3 PO4 J . 9.03 -2.40 -6.99
O4 PO4 J . 10.08 -2.73 -9.22
BR BR K . -11.39 1.79 -1.16
HO HO L . -16.14 21.05 19.08
BR BR M . -6.50 -4.65 8.76
HO HO N . -32.49 3.30 1.55
#